data_6ESD
#
_entry.id   6ESD
#
_cell.length_a   151.610
_cell.length_b   172.600
_cell.length_c   94.670
_cell.angle_alpha   90.00
_cell.angle_beta   90.00
_cell.angle_gamma   90.00
#
_symmetry.space_group_name_H-M   'C 2 2 21'
#
loop_
_entity.id
_entity.type
_entity.pdbx_description
1 polymer 'Flavin-dependent L-tryptophan oxidase VioA'
2 non-polymer 'FLAVIN-ADENINE DINUCLEOTIDE'
3 non-polymer 'CHLORIDE ION'
4 water water
#
_entity_poly.entity_id   1
_entity_poly.type   'polypeptide(L)'
_entity_poly.pdbx_seq_one_letter_code
;KHSSDICIVGAGISGLTCASHLLDSPACRGLSLRIFDMQQEAGGRIRSKMLDGKASIELGAGRYSPQLHPHFQSAMQHYS
QKSEVYPFTQLKFKSHVQQKLKRAMNELSPRLKEHGKESFLQFVSRYQGHDSAVGMIRSMGYDALFLPDISAEMAYDIVG
KHPEIQSVTDNDANQWFAAETGFAGLIQGIKAKVKAAGARFSLGYRLLSVRTDGDGYLLQLAGDDGWKLEHRTRHLILAI
PPSAMAGLNVDFPEAWSGARYGSLPLFKGFLTYGEPWWLDYKLDDQVLIVDNPLRKIYFKGDKYLFFYTDSEMANYWRGC
VAEGEDGYLEQIRTHLASALGIVRERIPQPLAHVHKYWAHGVEFCRDSDIDHPSALSHRDSGIIACSDAYTEHCGWMEGG
LLSAREASRLLLQRIA
;
_entity_poly.pdbx_strand_id   B,A
#
# COMPACT_ATOMS: atom_id res chain seq x y z
CA LYS A 1 21.91 13.32 -9.02
C LYS A 1 20.52 13.52 -8.42
N HIS A 2 20.38 13.17 -7.14
CA HIS A 2 19.13 13.33 -6.39
C HIS A 2 19.37 14.20 -5.14
N SER A 3 19.06 15.50 -5.22
CA SER A 3 19.56 16.46 -4.25
C SER A 3 18.60 17.65 -4.10
N SER A 4 18.70 18.35 -2.97
CA SER A 4 17.82 19.49 -2.72
C SER A 4 18.46 20.42 -1.69
N ASP A 5 17.97 21.66 -1.66
CA ASP A 5 18.32 22.58 -0.59
C ASP A 5 17.64 22.20 0.72
N ILE A 6 16.31 22.07 0.70
CA ILE A 6 15.53 21.71 1.87
C ILE A 6 14.66 20.51 1.55
N CYS A 7 14.50 19.61 2.53
CA CYS A 7 13.71 18.41 2.39
C CYS A 7 12.77 18.27 3.59
N ILE A 8 11.49 18.02 3.30
CA ILE A 8 10.47 17.76 4.33
C ILE A 8 9.99 16.32 4.15
N VAL A 9 10.26 15.48 5.15
CA VAL A 9 9.69 14.13 5.16
C VAL A 9 8.39 14.18 5.96
N GLY A 10 7.28 13.88 5.29
CA GLY A 10 5.95 13.88 5.88
C GLY A 10 5.05 14.87 5.18
N ALA A 11 4.06 14.39 4.44
CA ALA A 11 3.13 15.26 3.71
C ALA A 11 1.74 15.23 4.34
N GLY A 12 1.69 15.12 5.67
CA GLY A 12 0.48 15.43 6.41
C GLY A 12 0.23 16.92 6.45
N ILE A 13 -0.66 17.33 7.36
CA ILE A 13 -0.98 18.75 7.43
C ILE A 13 0.18 19.53 8.04
N SER A 14 1.01 18.88 8.86
CA SER A 14 2.19 19.53 9.40
C SER A 14 3.22 19.81 8.31
N GLY A 15 3.58 18.80 7.53
CA GLY A 15 4.61 19.00 6.53
C GLY A 15 4.18 19.90 5.40
N LEU A 16 2.92 19.81 4.97
CA LEU A 16 2.47 20.67 3.89
C LEU A 16 2.45 22.13 4.30
N THR A 17 2.17 22.39 5.59
CA THR A 17 2.12 23.77 6.11
C THR A 17 3.52 24.33 6.30
N CYS A 18 4.42 23.52 6.85
CA CYS A 18 5.86 23.81 6.81
C CYS A 18 6.28 24.31 5.42
N ALA A 19 6.00 23.50 4.39
CA ALA A 19 6.36 23.88 3.03
C ALA A 19 5.72 25.19 2.62
N SER A 20 4.49 25.44 3.05
CA SER A 20 3.78 26.66 2.67
C SER A 20 4.42 27.90 3.30
N HIS A 21 4.81 27.82 4.58
CA HIS A 21 5.47 28.95 5.22
C HIS A 21 6.81 29.26 4.57
N LEU A 22 7.65 28.23 4.39
CA LEU A 22 8.97 28.43 3.78
C LEU A 22 8.85 29.14 2.44
N LEU A 23 7.99 28.62 1.55
CA LEU A 23 7.92 29.17 0.21
C LEU A 23 7.33 30.58 0.19
N ASP A 24 6.67 30.99 1.26
CA ASP A 24 6.17 32.36 1.34
C ASP A 24 7.25 33.35 1.80
N SER A 25 8.44 32.85 2.18
CA SER A 25 9.51 33.65 2.77
C SER A 25 10.47 34.16 1.69
N PRO A 26 10.86 35.44 1.73
CA PRO A 26 11.87 35.90 0.76
C PRO A 26 13.18 35.14 0.86
N ALA A 27 13.67 34.89 2.08
CA ALA A 27 14.92 34.17 2.35
C ALA A 27 14.93 32.73 1.80
N CYS A 28 13.93 32.24 1.05
CA CYS A 28 14.05 30.99 0.33
C CYS A 28 13.91 31.22 -1.17
N ARG A 29 13.88 32.48 -1.60
CA ARG A 29 13.87 32.79 -3.03
C ARG A 29 15.02 32.04 -3.68
N GLY A 30 14.70 31.09 -4.56
CA GLY A 30 15.71 30.38 -5.33
C GLY A 30 16.13 29.04 -4.79
N LEU A 31 15.77 28.69 -3.55
CA LEU A 31 16.14 27.37 -3.03
C LEU A 31 15.16 26.31 -3.53
N SER A 32 15.64 25.06 -3.58
CA SER A 32 14.81 23.94 -4.02
C SER A 32 14.31 23.14 -2.82
N LEU A 33 13.07 22.68 -2.90
CA LEU A 33 12.39 22.00 -1.78
C LEU A 33 11.77 20.69 -2.29
N ARG A 34 12.12 19.58 -1.65
CA ARG A 34 11.62 18.25 -1.99
C ARG A 34 10.82 17.69 -0.81
N ILE A 35 9.67 17.07 -1.09
CA ILE A 35 8.77 16.54 -0.04
C ILE A 35 8.53 15.04 -0.27
N PHE A 36 8.90 14.22 0.71
CA PHE A 36 8.68 12.77 0.69
C PHE A 36 7.51 12.39 1.60
N ASP A 37 6.71 11.42 1.16
CA ASP A 37 5.78 10.73 2.07
C ASP A 37 5.74 9.26 1.69
N MET A 38 5.75 8.39 2.71
CA MET A 38 5.63 6.94 2.49
C MET A 38 4.29 6.52 1.93
N GLN A 39 3.33 7.38 1.61
CA GLN A 39 2.03 6.97 1.10
C GLN A 39 1.83 7.52 -0.30
N GLN A 40 0.78 7.05 -0.94
CA GLN A 40 0.52 7.39 -2.34
C GLN A 40 -0.21 8.71 -2.49
N GLU A 41 -0.91 9.16 -1.45
CA GLU A 41 -1.65 10.42 -1.45
C GLU A 41 -1.26 11.21 -0.22
N ALA A 42 -1.17 12.53 -0.36
CA ALA A 42 -0.90 13.39 0.79
C ALA A 42 -2.10 13.41 1.75
N GLY A 43 -1.84 13.75 3.02
CA GLY A 43 -2.92 13.86 3.96
C GLY A 43 -2.68 13.29 5.34
N GLY A 44 -1.89 12.23 5.43
CA GLY A 44 -1.70 11.55 6.70
C GLY A 44 -3.02 11.05 7.28
N ARG A 45 -3.32 11.48 8.52
CA ARG A 45 -4.52 11.06 9.22
C ARG A 45 -5.76 11.87 8.83
N ILE A 46 -5.67 12.62 7.74
CA ILE A 46 -6.82 13.18 7.05
C ILE A 46 -7.08 12.32 5.81
N ARG A 47 -8.21 11.62 5.76
CA ARG A 47 -8.50 10.74 4.64
C ARG A 47 -10.01 10.70 4.41
N SER A 48 -10.47 11.43 3.39
CA SER A 48 -11.85 11.38 2.91
C SER A 48 -12.03 10.30 1.84
N LYS A 49 -13.24 9.72 1.78
CA LYS A 49 -13.64 8.77 0.73
C LYS A 49 -15.03 9.12 0.24
N MET A 50 -15.49 8.37 -0.77
CA MET A 50 -16.86 8.45 -1.28
C MET A 50 -17.50 7.10 -1.01
N LEU A 51 -18.43 7.05 -0.05
CA LEU A 51 -19.07 5.81 0.33
C LEU A 51 -20.16 5.50 -0.70
N ASP A 52 -19.95 4.43 -1.47
CA ASP A 52 -20.84 4.01 -2.55
C ASP A 52 -21.15 5.14 -3.52
N GLY A 53 -20.20 6.07 -3.68
CA GLY A 53 -20.38 7.25 -4.52
C GLY A 53 -21.57 8.14 -4.18
N LYS A 54 -22.20 7.96 -3.02
CA LYS A 54 -23.40 8.69 -2.66
C LYS A 54 -23.15 9.84 -1.68
N ALA A 55 -22.08 9.77 -0.90
CA ALA A 55 -21.81 10.82 0.09
C ALA A 55 -20.37 10.70 0.55
N SER A 56 -19.81 11.85 0.93
CA SER A 56 -18.43 11.92 1.40
C SER A 56 -18.36 11.61 2.89
N ILE A 57 -17.46 10.73 3.27
CA ILE A 57 -17.21 10.39 4.66
C ILE A 57 -15.75 10.66 5.01
N GLU A 58 -15.49 10.84 6.31
CA GLU A 58 -14.15 11.11 6.81
C GLU A 58 -13.62 9.89 7.57
N LEU A 59 -12.62 9.22 7.00
CA LEU A 59 -12.04 8.09 7.70
C LEU A 59 -11.07 8.53 8.79
N GLY A 60 -10.49 9.72 8.68
CA GLY A 60 -9.63 10.28 9.72
C GLY A 60 -10.32 11.44 10.40
N ALA A 61 -9.68 12.61 10.41
CA ALA A 61 -10.23 13.80 11.07
C ALA A 61 -11.55 14.23 10.46
N GLY A 62 -12.50 14.63 11.32
CA GLY A 62 -13.81 14.96 10.83
C GLY A 62 -14.44 16.26 11.29
N ARG A 63 -13.91 16.89 12.35
CA ARG A 63 -14.59 18.03 12.99
C ARG A 63 -13.57 19.07 13.44
N TYR A 64 -13.98 20.34 13.42
CA TYR A 64 -13.20 21.43 14.03
C TYR A 64 -14.14 22.46 14.66
N SER A 65 -13.63 23.14 15.70
CA SER A 65 -14.34 24.22 16.38
C SER A 65 -13.69 25.57 16.12
N PRO A 66 -14.45 26.61 15.74
CA PRO A 66 -13.83 27.94 15.62
C PRO A 66 -13.28 28.46 16.94
N GLN A 67 -13.87 28.06 18.07
CA GLN A 67 -13.37 28.49 19.37
C GLN A 67 -12.01 27.89 19.69
N LEU A 68 -11.85 26.59 19.48
CA LEU A 68 -10.63 25.86 19.80
C LEU A 68 -9.57 25.93 18.69
N HIS A 69 -10.00 26.06 17.43
CA HIS A 69 -9.12 25.83 16.28
C HIS A 69 -9.25 26.99 15.28
N PRO A 70 -8.79 28.20 15.67
CA PRO A 70 -8.94 29.36 14.77
C PRO A 70 -7.97 29.35 13.59
N HIS A 71 -6.75 28.86 13.77
CA HIS A 71 -5.86 28.79 12.61
C HIS A 71 -6.40 27.81 11.57
N PHE A 72 -6.97 26.67 12.02
CA PHE A 72 -7.59 25.75 11.07
C PHE A 72 -8.71 26.42 10.28
N GLN A 73 -9.64 27.09 10.97
CA GLN A 73 -10.72 27.83 10.29
C GLN A 73 -10.18 28.83 9.27
N SER A 74 -9.13 29.57 9.65
CA SER A 74 -8.55 30.51 8.70
C SER A 74 -7.93 29.79 7.52
N ALA A 75 -7.38 28.59 7.74
CA ALA A 75 -6.89 27.81 6.62
C ALA A 75 -8.03 27.43 5.69
N MET A 76 -9.18 27.02 6.26
CA MET A 76 -10.34 26.67 5.44
C MET A 76 -10.78 27.84 4.59
N GLN A 77 -10.75 29.05 5.15
CA GLN A 77 -11.24 30.22 4.44
C GLN A 77 -10.26 30.65 3.36
N HIS A 78 -8.98 30.75 3.72
CA HIS A 78 -7.95 31.11 2.75
C HIS A 78 -8.02 30.25 1.51
N TYR A 79 -8.40 28.98 1.65
CA TYR A 79 -8.42 28.07 0.51
C TYR A 79 -9.83 27.84 -0.02
N SER A 80 -10.76 28.72 0.34
CA SER A 80 -12.12 28.71 -0.20
C SER A 80 -12.82 27.36 -0.05
N GLN A 81 -12.75 26.77 1.14
CA GLN A 81 -13.43 25.50 1.40
C GLN A 81 -14.70 25.75 2.20
N LYS A 82 -15.81 25.17 1.75
CA LYS A 82 -17.11 25.33 2.40
C LYS A 82 -17.22 24.46 3.65
N SER A 83 -17.63 25.08 4.76
CA SER A 83 -17.90 24.38 6.00
C SER A 83 -19.40 24.16 6.18
N GLU A 84 -19.76 23.09 6.89
CA GLU A 84 -21.15 22.83 7.23
C GLU A 84 -21.27 22.55 8.72
N VAL A 85 -22.49 22.73 9.25
CA VAL A 85 -22.71 22.52 10.68
C VAL A 85 -22.46 21.06 11.05
N TYR A 86 -21.78 20.85 12.15
CA TYR A 86 -21.58 19.53 12.70
C TYR A 86 -22.61 19.29 13.79
N PRO A 87 -23.56 18.36 13.60
CA PRO A 87 -24.74 18.32 14.49
C PRO A 87 -24.54 17.60 15.82
N PHE A 88 -23.51 16.77 15.95
CA PHE A 88 -23.44 15.81 17.05
C PHE A 88 -22.84 16.46 18.31
N THR A 89 -23.54 17.48 18.80
CA THR A 89 -23.11 18.19 20.00
C THR A 89 -24.10 18.02 21.15
N GLN A 90 -25.18 17.25 20.94
CA GLN A 90 -26.14 16.99 21.99
C GLN A 90 -26.59 15.52 21.98
N LEU A 91 -27.31 15.16 23.03
CA LEU A 91 -27.84 13.82 23.21
C LEU A 91 -29.34 13.92 23.28
N LYS A 92 -30.03 13.01 22.57
CA LYS A 92 -31.46 12.84 22.79
C LYS A 92 -31.75 12.31 24.19
N PHE A 93 -30.78 11.67 24.85
CA PHE A 93 -30.97 11.14 26.21
C PHE A 93 -29.67 11.32 27.00
N LYS A 94 -29.51 12.48 27.60
CA LYS A 94 -28.34 12.71 28.41
C LYS A 94 -28.91 11.98 29.59
N SER A 95 -28.20 11.02 30.12
CA SER A 95 -28.73 10.31 31.25
C SER A 95 -28.45 11.06 32.51
N HIS A 96 -29.12 10.65 33.57
CA HIS A 96 -28.87 11.23 34.86
C HIS A 96 -27.41 10.95 35.18
N VAL A 97 -26.92 9.84 34.64
CA VAL A 97 -25.56 9.40 34.82
C VAL A 97 -24.66 10.48 34.29
N GLN A 98 -24.99 11.08 33.16
CA GLN A 98 -24.13 12.14 32.68
C GLN A 98 -24.23 13.37 33.59
N GLN A 99 -25.46 13.88 33.82
CA GLN A 99 -25.62 15.07 34.64
C GLN A 99 -25.11 14.85 36.07
N LYS A 100 -25.09 13.60 36.55
CA LYS A 100 -24.38 13.32 37.79
C LYS A 100 -22.90 13.63 37.65
N LEU A 101 -22.31 13.22 36.52
CA LEU A 101 -20.88 13.44 36.32
C LEU A 101 -20.58 14.92 36.13
N LYS A 102 -21.44 15.64 35.42
CA LYS A 102 -21.31 17.11 35.39
C LYS A 102 -21.23 17.65 36.79
N ARG A 103 -22.14 17.18 37.66
CA ARG A 103 -22.22 17.68 39.02
C ARG A 103 -21.05 17.18 39.87
N ALA A 104 -20.54 15.98 39.59
CA ALA A 104 -19.43 15.45 40.36
C ALA A 104 -18.08 15.98 39.90
N MET A 105 -17.91 16.29 38.61
CA MET A 105 -16.65 16.89 38.16
C MET A 105 -16.52 18.34 38.61
N ASN A 106 -17.64 19.07 38.67
CA ASN A 106 -17.53 20.42 39.20
C ASN A 106 -17.34 20.39 40.71
N GLU A 107 -18.14 19.59 41.42
CA GLU A 107 -17.91 19.39 42.84
C GLU A 107 -16.45 19.05 43.13
N LEU A 108 -15.96 17.96 42.52
CA LEU A 108 -14.59 17.52 42.77
C LEU A 108 -13.54 18.51 42.27
N SER A 109 -13.91 19.44 41.38
CA SER A 109 -12.95 20.25 40.63
C SER A 109 -11.87 20.89 41.47
N PRO A 110 -12.17 21.55 42.63
CA PRO A 110 -11.12 22.29 43.34
C PRO A 110 -10.05 21.42 43.99
N ARG A 111 -9.86 20.19 43.53
CA ARG A 111 -8.89 19.30 44.14
C ARG A 111 -7.70 18.99 43.23
N LEU A 112 -7.72 19.41 41.98
CA LEU A 112 -6.70 18.98 41.02
C LEU A 112 -5.37 19.72 41.19
N LYS A 113 -5.35 20.82 41.94
CA LYS A 113 -4.08 21.43 42.29
C LYS A 113 -3.23 20.43 43.06
N GLU A 114 -3.82 19.79 44.08
CA GLU A 114 -3.10 18.80 44.87
C GLU A 114 -3.03 17.44 44.17
N HIS A 115 -4.16 16.94 43.67
CA HIS A 115 -4.29 15.53 43.28
C HIS A 115 -4.27 15.29 41.77
N GLY A 116 -4.22 16.32 40.94
CA GLY A 116 -4.44 16.15 39.50
C GLY A 116 -3.43 15.27 38.79
N LYS A 117 -2.37 14.82 39.47
CA LYS A 117 -1.45 13.86 38.87
C LYS A 117 -1.99 12.43 38.87
N GLU A 118 -2.91 12.12 39.79
CA GLU A 118 -3.54 10.80 39.82
C GLU A 118 -4.25 10.51 38.50
N SER A 119 -4.44 9.22 38.24
CA SER A 119 -5.27 8.84 37.10
C SER A 119 -6.68 9.41 37.28
N PHE A 120 -7.31 9.72 36.15
CA PHE A 120 -8.69 10.19 36.17
C PHE A 120 -9.62 9.22 36.91
N LEU A 121 -9.42 7.91 36.71
CA LEU A 121 -10.23 6.93 37.41
C LEU A 121 -10.00 7.02 38.92
N GLN A 122 -8.74 6.95 39.34
CA GLN A 122 -8.42 7.10 40.75
C GLN A 122 -8.98 8.40 41.30
N PHE A 123 -9.01 9.46 40.48
CA PHE A 123 -9.58 10.73 40.91
C PHE A 123 -11.08 10.61 41.17
N VAL A 124 -11.87 10.30 40.12
CA VAL A 124 -13.32 10.30 40.23
C VAL A 124 -13.80 9.31 41.29
N SER A 125 -13.05 8.24 41.52
CA SER A 125 -13.45 7.26 42.53
C SER A 125 -13.59 7.87 43.92
N ARG A 126 -13.04 9.07 44.14
CA ARG A 126 -13.17 9.75 45.43
C ARG A 126 -14.57 10.27 45.68
N TYR A 127 -15.39 10.38 44.63
CA TYR A 127 -16.81 10.70 44.74
C TYR A 127 -17.60 9.41 44.54
N GLN A 128 -18.41 9.03 45.55
CA GLN A 128 -19.24 7.82 45.51
C GLN A 128 -18.45 6.57 45.10
N GLY A 129 -17.20 6.46 45.54
CA GLY A 129 -16.50 5.21 45.33
C GLY A 129 -16.17 4.90 43.87
N HIS A 130 -15.82 3.64 43.64
CA HIS A 130 -15.18 3.18 42.42
C HIS A 130 -16.15 2.58 41.41
N ASP A 131 -17.08 1.72 41.84
CA ASP A 131 -18.08 1.19 40.92
C ASP A 131 -18.95 2.32 40.34
N SER A 132 -19.23 3.34 41.14
CA SER A 132 -19.94 4.50 40.62
C SER A 132 -19.05 5.33 39.70
N ALA A 133 -17.74 5.37 39.96
CA ALA A 133 -16.86 6.15 39.09
C ALA A 133 -16.73 5.51 37.72
N VAL A 134 -16.79 4.17 37.65
CA VAL A 134 -16.71 3.47 36.38
C VAL A 134 -17.97 3.71 35.55
N GLY A 135 -19.14 3.68 36.18
CA GLY A 135 -20.36 3.92 35.44
C GLY A 135 -20.46 5.33 34.92
N MET A 136 -19.84 6.28 35.63
CA MET A 136 -19.87 7.68 35.21
C MET A 136 -18.87 7.94 34.09
N ILE A 137 -17.62 7.49 34.26
CA ILE A 137 -16.61 7.72 33.22
C ILE A 137 -17.01 7.03 31.93
N ARG A 138 -17.56 5.82 32.02
CA ARG A 138 -17.93 5.05 30.86
C ARG A 138 -19.06 5.70 30.05
N SER A 139 -19.97 6.40 30.71
CA SER A 139 -21.06 7.08 30.00
C SER A 139 -20.58 8.18 29.07
N MET A 140 -19.29 8.52 29.07
CA MET A 140 -18.84 9.53 28.13
C MET A 140 -18.33 8.97 26.81
N GLY A 141 -18.15 7.65 26.71
CA GLY A 141 -17.93 6.99 25.44
C GLY A 141 -16.55 7.19 24.85
N TYR A 142 -15.53 7.43 25.69
CA TYR A 142 -14.15 7.57 25.22
C TYR A 142 -13.30 6.78 26.22
N ASP A 143 -13.12 5.48 25.95
CA ASP A 143 -12.47 4.56 26.88
C ASP A 143 -11.03 4.93 27.21
N ALA A 144 -10.43 5.89 26.50
CA ALA A 144 -9.10 6.37 26.88
C ALA A 144 -9.06 6.96 28.28
N LEU A 145 -10.21 7.37 28.83
CA LEU A 145 -10.23 7.98 30.15
C LEU A 145 -9.92 7.00 31.27
N PHE A 146 -10.02 5.67 31.02
CA PHE A 146 -9.67 4.68 32.04
C PHE A 146 -8.17 4.40 32.09
N LEU A 147 -7.39 4.86 31.12
CA LEU A 147 -5.97 4.51 31.09
C LEU A 147 -5.25 5.18 32.24
N PRO A 148 -4.41 4.44 33.00
CA PRO A 148 -3.64 5.11 34.07
C PRO A 148 -2.69 6.19 33.56
N ASP A 149 -2.15 6.05 32.33
CA ASP A 149 -1.28 7.08 31.76
C ASP A 149 -2.06 8.41 31.39
N ILE A 150 -3.35 8.50 31.74
CA ILE A 150 -4.19 9.68 31.55
C ILE A 150 -4.50 10.26 32.92
N SER A 151 -3.92 11.40 33.22
CA SER A 151 -4.09 11.98 34.53
C SER A 151 -5.47 12.63 34.66
N ALA A 152 -5.80 13.01 35.89
CA ALA A 152 -7.10 13.66 36.13
C ALA A 152 -7.14 15.06 35.55
N GLU A 153 -6.03 15.80 35.64
CA GLU A 153 -6.01 17.16 35.10
C GLU A 153 -6.13 17.15 33.58
N MET A 154 -5.45 16.21 32.92
CA MET A 154 -5.56 16.15 31.46
C MET A 154 -6.83 15.46 31.00
N ALA A 155 -7.64 14.92 31.92
CA ALA A 155 -8.94 14.37 31.52
C ALA A 155 -9.98 15.47 31.42
N TYR A 156 -10.03 16.38 32.41
CA TYR A 156 -10.93 17.52 32.34
C TYR A 156 -10.74 18.30 31.03
N ASP A 157 -9.50 18.37 30.54
CA ASP A 157 -9.21 19.00 29.25
C ASP A 157 -9.82 18.19 28.10
N ILE A 158 -9.53 16.88 28.04
CA ILE A 158 -10.11 16.01 27.01
C ILE A 158 -11.62 16.18 26.91
N VAL A 159 -12.31 16.24 28.05
CA VAL A 159 -13.78 16.30 28.06
C VAL A 159 -14.27 17.62 27.48
N GLY A 160 -13.61 18.73 27.83
CA GLY A 160 -14.01 20.03 27.32
C GLY A 160 -13.75 20.24 25.84
N LYS A 161 -12.86 19.44 25.25
CA LYS A 161 -12.58 19.63 23.83
C LYS A 161 -13.46 18.78 22.93
N HIS A 162 -14.22 17.73 23.50
CA HIS A 162 -14.89 16.91 22.48
C HIS A 162 -16.37 17.26 22.38
N PRO A 163 -16.90 17.36 21.17
CA PRO A 163 -18.25 17.94 20.99
C PRO A 163 -19.38 17.13 21.62
N GLU A 164 -19.23 15.82 21.81
CA GLU A 164 -20.34 15.03 22.33
C GLU A 164 -20.52 15.21 23.83
N ILE A 165 -19.44 15.49 24.54
CA ILE A 165 -19.43 15.48 25.99
C ILE A 165 -19.03 16.82 26.57
N GLN A 166 -18.91 17.86 25.73
CA GLN A 166 -18.36 19.14 26.16
C GLN A 166 -19.25 19.88 27.15
N SER A 167 -20.52 19.49 27.30
CA SER A 167 -21.37 20.16 28.27
C SER A 167 -21.20 19.62 29.67
N VAL A 168 -20.44 18.54 29.85
CA VAL A 168 -20.14 18.05 31.19
C VAL A 168 -19.23 19.02 31.92
N THR A 169 -18.60 19.91 31.18
CA THR A 169 -17.73 20.94 31.73
C THR A 169 -18.32 22.20 31.22
N ASP A 170 -17.88 23.32 31.74
CA ASP A 170 -18.43 24.59 31.31
C ASP A 170 -17.77 25.07 30.04
N ASN A 171 -17.77 24.20 29.04
CA ASN A 171 -17.18 24.51 27.78
C ASN A 171 -18.23 24.29 26.77
N ASP A 172 -19.47 24.45 27.19
CA ASP A 172 -20.54 24.17 26.26
C ASP A 172 -20.99 25.18 25.23
N ALA A 173 -20.33 26.31 25.12
CA ALA A 173 -20.74 27.29 24.15
C ALA A 173 -20.00 27.17 22.84
N ASN A 174 -19.07 26.24 22.78
CA ASN A 174 -18.25 26.01 21.60
C ASN A 174 -19.04 25.50 20.41
N GLN A 175 -18.67 25.94 19.22
CA GLN A 175 -19.36 25.54 18.00
C GLN A 175 -18.50 24.58 17.17
N TRP A 176 -19.16 23.85 16.26
CA TRP A 176 -18.48 22.76 15.54
C TRP A 176 -18.92 22.70 14.09
N PHE A 177 -17.94 22.53 13.19
CA PHE A 177 -18.21 22.49 11.75
C PHE A 177 -17.46 21.33 11.12
N ALA A 178 -17.92 20.92 9.94
CA ALA A 178 -17.23 19.92 9.13
C ALA A 178 -17.04 20.48 7.73
N ALA A 179 -16.10 19.89 6.99
CA ALA A 179 -15.95 20.22 5.58
C ALA A 179 -17.15 19.71 4.80
N GLU A 180 -17.72 20.54 3.92
CA GLU A 180 -18.89 20.10 3.18
C GLU A 180 -18.54 19.08 2.09
N THR A 181 -17.36 19.17 1.50
CA THR A 181 -16.94 18.22 0.47
C THR A 181 -15.86 17.25 0.93
N GLY A 182 -15.39 17.35 2.16
CA GLY A 182 -14.28 16.55 2.63
C GLY A 182 -13.01 17.34 2.87
N PHE A 183 -12.40 17.11 4.04
CA PHE A 183 -11.12 17.73 4.40
C PHE A 183 -10.01 17.47 3.39
N ALA A 184 -10.13 16.44 2.55
CA ALA A 184 -9.11 16.27 1.52
C ALA A 184 -9.08 17.46 0.58
N GLY A 185 -10.19 18.21 0.49
CA GLY A 185 -10.21 19.40 -0.34
C GLY A 185 -9.22 20.45 0.12
N LEU A 186 -9.08 20.60 1.44
CA LEU A 186 -8.06 21.50 1.96
C LEU A 186 -6.67 20.99 1.66
N ILE A 187 -6.43 19.69 1.85
CA ILE A 187 -5.12 19.10 1.60
C ILE A 187 -4.72 19.30 0.14
N GLN A 188 -5.66 19.09 -0.78
CA GLN A 188 -5.32 19.25 -2.19
C GLN A 188 -5.01 20.70 -2.50
N GLY A 189 -5.68 21.65 -1.83
CA GLY A 189 -5.45 23.06 -2.10
C GLY A 189 -4.09 23.53 -1.64
N ILE A 190 -3.67 23.12 -0.43
CA ILE A 190 -2.31 23.44 0.01
C ILE A 190 -1.30 22.77 -0.89
N LYS A 191 -1.58 21.52 -1.30
CA LYS A 191 -0.63 20.78 -2.13
C LYS A 191 -0.44 21.44 -3.47
N ALA A 192 -1.55 21.87 -4.10
CA ALA A 192 -1.43 22.59 -5.36
C ALA A 192 -0.62 23.88 -5.21
N LYS A 193 -0.85 24.64 -4.13
CA LYS A 193 -0.14 25.90 -3.95
C LYS A 193 1.35 25.68 -3.77
N VAL A 194 1.72 24.68 -2.98
CA VAL A 194 3.13 24.37 -2.74
C VAL A 194 3.80 23.86 -4.04
N LYS A 195 3.08 23.05 -4.81
CA LYS A 195 3.61 22.60 -6.10
C LYS A 195 3.77 23.77 -7.05
N ALA A 196 2.82 24.71 -7.05
CA ALA A 196 2.90 25.81 -8.00
C ALA A 196 3.96 26.84 -7.60
N ALA A 197 4.37 26.86 -6.34
CA ALA A 197 5.54 27.64 -5.95
C ALA A 197 6.84 26.86 -6.14
N GLY A 198 6.82 25.75 -6.89
CA GLY A 198 8.04 25.08 -7.26
C GLY A 198 8.46 23.88 -6.42
N ALA A 199 7.71 23.50 -5.40
CA ALA A 199 8.09 22.30 -4.68
C ALA A 199 7.94 21.07 -5.57
N ARG A 200 8.66 20.01 -5.20
CA ARG A 200 8.55 18.73 -5.90
C ARG A 200 8.23 17.62 -4.90
N PHE A 201 7.23 16.81 -5.21
CA PHE A 201 6.79 15.72 -4.36
C PHE A 201 7.29 14.35 -4.86
N SER A 202 7.57 13.47 -3.90
CA SER A 202 7.87 12.05 -4.13
C SER A 202 6.99 11.26 -3.18
N LEU A 203 5.72 11.14 -3.53
CA LEU A 203 4.83 10.29 -2.75
C LEU A 203 5.13 8.82 -3.03
N GLY A 204 5.06 7.99 -1.99
CA GLY A 204 5.32 6.58 -2.11
C GLY A 204 6.67 6.11 -1.63
N TYR A 205 7.44 6.96 -0.93
CA TYR A 205 8.78 6.62 -0.47
C TYR A 205 8.88 6.72 1.06
N ARG A 206 9.49 5.71 1.67
CA ARG A 206 9.65 5.61 3.11
C ARG A 206 11.10 5.89 3.52
N LEU A 207 11.31 6.92 4.33
CA LEU A 207 12.63 7.16 4.91
C LEU A 207 12.98 6.06 5.89
N LEU A 208 14.22 5.59 5.81
CA LEU A 208 14.71 4.44 6.59
C LEU A 208 15.79 4.82 7.58
N SER A 209 16.75 5.63 7.16
CA SER A 209 17.80 6.13 8.04
C SER A 209 18.26 7.46 7.48
N VAL A 210 19.04 8.17 8.29
CA VAL A 210 19.58 9.47 7.89
C VAL A 210 20.93 9.62 8.58
N ARG A 211 21.93 10.08 7.85
CA ARG A 211 23.24 10.30 8.42
C ARG A 211 23.67 11.72 8.09
N THR A 212 24.20 12.41 9.08
CA THR A 212 24.72 13.74 8.81
C THR A 212 25.99 13.63 7.98
N ASP A 213 26.24 14.64 7.14
CA ASP A 213 27.19 14.49 6.03
C ASP A 213 27.78 15.87 5.69
N GLY A 214 28.86 16.21 6.36
CA GLY A 214 29.42 17.55 6.19
C GLY A 214 28.45 18.60 6.70
N ASP A 215 28.03 19.50 5.80
CA ASP A 215 27.06 20.54 6.15
C ASP A 215 25.61 20.11 5.92
N GLY A 216 25.38 19.00 5.21
CA GLY A 216 24.04 18.53 4.95
C GLY A 216 23.80 17.11 5.46
N TYR A 217 22.87 16.39 4.86
CA TYR A 217 22.44 15.10 5.36
C TYR A 217 22.17 14.16 4.20
N LEU A 218 22.46 12.87 4.42
CA LEU A 218 22.18 11.82 3.45
C LEU A 218 21.07 10.94 3.98
N LEU A 219 20.00 10.82 3.19
CA LEU A 219 18.81 10.07 3.59
C LEU A 219 18.68 8.82 2.72
N GLN A 220 18.31 7.70 3.37
CA GLN A 220 18.09 6.43 2.69
C GLN A 220 16.59 6.13 2.69
N LEU A 221 15.97 6.13 1.51
CA LEU A 221 14.56 5.88 1.39
C LEU A 221 14.31 4.60 0.59
N ALA A 222 13.12 4.03 0.76
CA ALA A 222 12.70 2.84 0.01
C ALA A 222 11.32 3.09 -0.60
N GLY A 223 11.19 2.84 -1.89
CA GLY A 223 9.89 2.92 -2.52
C GLY A 223 9.00 1.75 -2.16
N ASP A 224 7.69 1.94 -2.31
CA ASP A 224 6.76 0.86 -2.00
C ASP A 224 6.69 -0.20 -3.08
N ASP A 225 7.50 -0.10 -4.15
CA ASP A 225 7.78 -1.19 -5.08
C ASP A 225 9.23 -1.69 -4.94
N GLY A 226 9.89 -1.37 -3.81
CA GLY A 226 11.20 -1.91 -3.49
C GLY A 226 12.39 -1.11 -4.00
N TRP A 227 12.17 -0.15 -4.88
CA TRP A 227 13.27 0.63 -5.46
C TRP A 227 13.99 1.43 -4.39
N LYS A 228 15.30 1.25 -4.29
CA LYS A 228 16.11 1.95 -3.29
C LYS A 228 16.56 3.30 -3.83
N LEU A 229 16.63 4.29 -2.93
CA LEU A 229 16.94 5.64 -3.37
C LEU A 229 17.71 6.38 -2.30
N GLU A 230 18.66 7.21 -2.71
CA GLU A 230 19.41 8.03 -1.78
C GLU A 230 19.18 9.51 -2.10
N HIS A 231 18.96 10.31 -1.06
CA HIS A 231 18.72 11.74 -1.23
C HIS A 231 19.67 12.53 -0.35
N ARG A 232 20.25 13.58 -0.91
CA ARG A 232 21.13 14.50 -0.21
C ARG A 232 20.48 15.87 -0.09
N THR A 233 20.54 16.46 1.11
CA THR A 233 19.92 17.76 1.33
C THR A 233 20.72 18.50 2.39
N ARG A 234 20.48 19.81 2.48
CA ARG A 234 21.20 20.67 3.41
C ARG A 234 20.36 21.10 4.60
N HIS A 235 19.03 20.94 4.56
CA HIS A 235 18.15 21.33 5.67
C HIS A 235 16.98 20.35 5.76
N LEU A 236 16.67 19.88 6.96
CA LEU A 236 15.76 18.76 7.07
C LEU A 236 14.72 18.98 8.17
N ILE A 237 13.45 18.94 7.79
CA ILE A 237 12.36 18.78 8.74
C ILE A 237 11.77 17.39 8.60
N LEU A 238 11.53 16.75 9.74
CA LEU A 238 10.79 15.49 9.83
C LEU A 238 9.39 15.80 10.35
N ALA A 239 8.43 16.03 9.45
CA ALA A 239 7.03 16.22 9.83
C ALA A 239 6.30 14.88 9.93
N ILE A 240 6.79 14.06 10.84
CA ILE A 240 6.20 12.76 11.17
C ILE A 240 5.86 12.77 12.64
N PRO A 241 5.03 11.84 13.11
CA PRO A 241 4.69 11.79 14.55
C PRO A 241 5.77 11.09 15.37
N PRO A 242 5.66 11.13 16.72
CA PRO A 242 6.70 10.50 17.55
C PRO A 242 6.89 9.00 17.34
N SER A 243 5.83 8.23 17.09
CA SER A 243 6.02 6.79 16.90
C SER A 243 6.94 6.50 15.72
N ALA A 244 6.78 7.24 14.62
CA ALA A 244 7.65 7.05 13.45
C ALA A 244 9.07 7.55 13.71
N MET A 245 9.21 8.64 14.48
CA MET A 245 10.53 9.10 14.89
C MET A 245 11.28 8.02 15.64
N ALA A 246 10.58 7.29 16.52
CA ALA A 246 11.21 6.30 17.39
C ALA A 246 11.74 5.10 16.61
N GLY A 247 11.32 4.92 15.36
CA GLY A 247 11.76 3.78 14.60
C GLY A 247 12.75 4.14 13.51
N LEU A 248 13.46 5.25 13.69
CA LEU A 248 14.41 5.73 12.72
C LEU A 248 15.84 5.55 13.22
N ASN A 249 16.75 6.35 12.68
CA ASN A 249 18.18 6.32 12.92
C ASN A 249 18.61 7.35 13.95
N VAL A 250 17.75 8.29 14.32
CA VAL A 250 18.09 9.37 15.23
C VAL A 250 17.78 8.92 16.65
N ASP A 251 18.13 9.74 17.63
CA ASP A 251 18.11 9.28 19.02
C ASP A 251 16.84 9.73 19.75
N PHE A 252 15.70 9.29 19.22
CA PHE A 252 14.43 9.79 19.72
C PHE A 252 13.85 8.78 20.70
N PRO A 253 13.44 9.25 21.91
CA PRO A 253 13.35 10.66 22.34
C PRO A 253 14.55 11.28 23.08
N GLU A 254 15.53 10.47 23.48
CA GLU A 254 16.56 10.91 24.41
C GLU A 254 17.22 12.23 23.97
N ALA A 255 17.79 12.24 22.77
CA ALA A 255 18.54 13.40 22.30
C ALA A 255 17.67 14.50 21.73
N TRP A 256 16.36 14.47 21.96
CA TRP A 256 15.45 15.43 21.33
C TRP A 256 14.64 16.24 22.34
N SER A 257 14.10 15.58 23.37
CA SER A 257 13.14 16.26 24.23
C SER A 257 13.34 15.90 25.68
N GLY A 258 13.57 14.60 25.93
CA GLY A 258 13.61 14.11 27.29
C GLY A 258 12.30 13.44 27.67
N ALA A 259 11.19 14.13 27.44
CA ALA A 259 9.87 13.60 27.75
C ALA A 259 9.61 12.28 27.05
N ARG A 260 8.65 11.51 27.57
CA ARG A 260 8.18 10.29 26.95
C ARG A 260 6.83 10.53 26.29
N TYR A 261 6.52 9.70 25.30
CA TYR A 261 5.29 9.85 24.51
C TYR A 261 4.56 8.52 24.42
N GLY A 262 3.23 8.59 24.35
CA GLY A 262 2.41 7.43 24.11
C GLY A 262 1.44 7.62 22.96
N SER A 263 0.57 6.66 22.75
CA SER A 263 -0.45 6.76 21.71
C SER A 263 -1.52 5.70 21.95
N LEU A 264 -2.71 5.96 21.42
CA LEU A 264 -3.83 5.06 21.46
C LEU A 264 -4.37 4.89 20.05
N PRO A 265 -5.00 3.72 19.75
CA PRO A 265 -5.54 3.49 18.40
C PRO A 265 -7.00 3.89 18.29
N LEU A 266 -7.47 4.10 17.06
CA LEU A 266 -8.82 4.55 16.77
C LEU A 266 -9.42 3.67 15.67
N PHE A 267 -10.75 3.54 15.69
CA PHE A 267 -11.45 2.74 14.68
C PHE A 267 -12.76 3.42 14.33
N LYS A 268 -13.07 3.50 13.03
CA LYS A 268 -14.34 4.05 12.56
C LYS A 268 -14.89 3.17 11.45
N GLY A 269 -16.22 3.00 11.45
CA GLY A 269 -16.90 2.17 10.47
C GLY A 269 -18.18 2.79 9.94
N PHE A 270 -18.39 2.81 8.63
CA PHE A 270 -19.55 3.47 8.01
C PHE A 270 -20.40 2.44 7.26
N LEU A 271 -21.72 2.59 7.36
CA LEU A 271 -22.66 1.68 6.69
C LEU A 271 -23.73 2.47 5.94
N THR A 272 -24.02 2.04 4.71
CA THR A 272 -25.10 2.59 3.89
C THR A 272 -26.19 1.55 3.69
N TYR A 273 -27.41 2.02 3.46
CA TYR A 273 -28.59 1.16 3.28
C TYR A 273 -29.37 1.64 2.07
N GLY A 274 -30.33 0.80 1.64
CA GLY A 274 -31.26 1.19 0.60
C GLY A 274 -32.31 2.19 1.02
N GLU A 275 -32.60 2.28 2.33
CA GLU A 275 -33.59 3.18 2.87
C GLU A 275 -33.08 3.79 4.17
N PRO A 276 -33.33 4.91 4.39
CA PRO A 276 -32.92 5.52 5.69
C PRO A 276 -33.87 5.14 6.82
N TRP A 277 -33.68 3.93 7.34
CA TRP A 277 -34.65 3.33 8.27
C TRP A 277 -34.67 4.02 9.64
N TRP A 278 -33.67 4.83 9.97
CA TRP A 278 -33.60 5.49 11.26
C TRP A 278 -34.41 6.77 11.33
N LEU A 279 -34.99 7.21 10.21
CA LEU A 279 -35.78 8.43 10.22
C LEU A 279 -37.08 8.25 11.02
N ASP A 280 -37.61 7.02 11.06
CA ASP A 280 -38.85 6.76 11.81
C ASP A 280 -38.63 6.87 13.30
N TYR A 281 -37.43 6.56 13.77
CA TYR A 281 -37.11 6.73 15.17
C TYR A 281 -36.66 8.14 15.50
N LYS A 282 -36.72 9.05 14.53
CA LYS A 282 -36.25 10.43 14.70
C LYS A 282 -34.79 10.44 15.17
N LEU A 283 -33.93 9.84 14.35
CA LEU A 283 -32.53 9.72 14.75
C LEU A 283 -31.56 10.49 13.86
N ASP A 284 -32.00 10.97 12.70
CA ASP A 284 -31.11 11.71 11.82
C ASP A 284 -30.46 12.88 12.56
N ASP A 285 -29.15 13.06 12.35
CA ASP A 285 -28.39 14.14 12.97
C ASP A 285 -28.23 13.99 14.47
N GLN A 286 -28.32 12.76 14.99
CA GLN A 286 -28.25 12.47 16.42
C GLN A 286 -27.07 11.55 16.72
N VAL A 287 -26.64 11.52 17.97
CA VAL A 287 -25.57 10.63 18.40
C VAL A 287 -25.95 9.98 19.73
N LEU A 288 -25.74 8.66 19.81
CA LEU A 288 -26.03 7.86 20.98
C LEU A 288 -24.74 7.31 21.56
N ILE A 289 -24.56 7.45 22.86
CA ILE A 289 -23.41 6.91 23.57
C ILE A 289 -23.95 5.73 24.36
N VAL A 290 -23.40 4.54 24.09
CA VAL A 290 -23.89 3.29 24.66
C VAL A 290 -22.72 2.58 25.35
N ASP A 291 -23.06 1.57 26.14
CA ASP A 291 -22.05 0.78 26.83
C ASP A 291 -21.60 -0.45 26.05
N ASN A 292 -22.33 -0.84 25.01
CA ASN A 292 -21.93 -1.97 24.19
C ASN A 292 -20.75 -1.53 23.30
N PRO A 293 -20.14 -2.47 22.57
CA PRO A 293 -18.90 -2.14 21.84
C PRO A 293 -18.94 -1.00 20.83
N LEU A 294 -20.05 -0.75 20.17
CA LEU A 294 -20.06 0.36 19.28
C LEU A 294 -20.02 1.16 20.50
N ARG A 295 -19.52 2.38 20.49
CA ARG A 295 -19.53 3.15 21.71
C ARG A 295 -20.31 4.38 21.45
N LYS A 296 -20.05 4.96 20.30
CA LYS A 296 -20.69 6.14 19.86
C LYS A 296 -21.27 5.80 18.54
N ILE A 297 -22.54 6.09 18.38
CA ILE A 297 -23.30 5.75 17.18
C ILE A 297 -23.86 7.04 16.61
N TYR A 298 -23.69 7.23 15.32
CA TYR A 298 -23.99 8.50 14.67
C TYR A 298 -24.92 8.29 13.50
N PHE A 299 -25.94 9.13 13.38
CA PHE A 299 -26.84 9.05 12.24
C PHE A 299 -26.78 10.37 11.50
N LYS A 300 -26.44 10.31 10.22
CA LYS A 300 -26.08 11.49 9.43
C LYS A 300 -27.13 11.71 8.34
N GLY A 301 -28.15 12.50 8.69
CA GLY A 301 -29.21 12.89 7.76
C GLY A 301 -29.89 11.70 7.11
N ASP A 302 -30.12 11.83 5.80
CA ASP A 302 -30.49 10.73 4.92
C ASP A 302 -29.39 9.70 4.75
N LYS A 303 -28.14 10.08 4.97
CA LYS A 303 -27.09 9.51 4.13
C LYS A 303 -26.58 8.17 4.64
N TYR A 304 -26.14 8.09 5.89
CA TYR A 304 -25.45 6.90 6.37
C TYR A 304 -25.46 6.92 7.89
N LEU A 305 -24.83 5.91 8.49
CA LEU A 305 -24.58 5.90 9.93
C LEU A 305 -23.16 5.38 10.16
N PHE A 306 -22.58 5.68 11.33
CA PHE A 306 -21.25 5.17 11.64
C PHE A 306 -21.02 5.11 13.15
N PHE A 307 -19.92 4.46 13.55
CA PHE A 307 -19.49 4.42 14.95
C PHE A 307 -18.00 4.70 15.03
N TYR A 308 -17.54 5.09 16.22
CA TYR A 308 -16.19 5.59 16.40
C TYR A 308 -15.72 5.18 17.79
N THR A 309 -14.59 4.47 17.89
CA THR A 309 -14.13 3.92 19.16
C THR A 309 -12.61 4.06 19.27
N ASP A 310 -12.10 3.76 20.46
CA ASP A 310 -10.69 4.03 20.80
C ASP A 310 -10.17 3.00 21.79
N SER A 311 -8.84 2.94 21.88
CA SER A 311 -8.10 2.12 22.86
C SER A 311 -8.65 0.68 22.80
N GLU A 312 -8.88 0.02 23.94
CA GLU A 312 -9.20 -1.42 23.90
C GLU A 312 -10.36 -1.73 22.97
N MET A 313 -11.31 -0.81 22.82
CA MET A 313 -12.45 -1.12 21.97
C MET A 313 -12.12 -1.00 20.49
N ALA A 314 -11.17 -0.12 20.14
CA ALA A 314 -10.65 -0.10 18.78
C ALA A 314 -10.02 -1.44 18.41
N ASN A 315 -9.24 -2.01 19.32
CA ASN A 315 -8.61 -3.30 19.05
C ASN A 315 -9.64 -4.42 18.92
N TYR A 316 -10.75 -4.30 19.66
CA TYR A 316 -11.81 -5.29 19.58
C TYR A 316 -12.40 -5.38 18.18
N TRP A 317 -12.83 -4.24 17.63
CA TRP A 317 -13.41 -4.21 16.29
C TRP A 317 -12.42 -4.65 15.21
N ARG A 318 -11.13 -4.39 15.41
CA ARG A 318 -10.16 -4.76 14.39
C ARG A 318 -9.86 -6.25 14.45
N GLY A 319 -10.05 -6.88 15.62
CA GLY A 319 -10.06 -8.33 15.68
C GLY A 319 -11.23 -8.94 14.93
N CYS A 320 -12.44 -8.36 15.04
CA CYS A 320 -13.58 -8.89 14.29
C CYS A 320 -13.33 -8.80 12.79
N VAL A 321 -12.83 -7.66 12.34
CA VAL A 321 -12.50 -7.52 10.93
C VAL A 321 -11.57 -8.65 10.50
N ALA A 322 -10.70 -9.11 11.40
CA ALA A 322 -9.73 -10.14 11.10
C ALA A 322 -10.33 -11.55 11.16
N GLU A 323 -11.43 -11.71 11.87
CA GLU A 323 -12.13 -12.98 11.88
C GLU A 323 -13.15 -13.09 10.78
N GLY A 324 -13.30 -12.07 9.94
CA GLY A 324 -14.20 -12.18 8.80
C GLY A 324 -15.32 -11.16 8.74
N GLU A 325 -15.63 -10.70 7.52
CA GLU A 325 -16.55 -9.59 7.32
C GLU A 325 -17.95 -9.91 7.85
N ASP A 326 -18.54 -11.00 7.36
CA ASP A 326 -19.77 -11.51 7.97
C ASP A 326 -19.44 -11.89 9.40
N GLY A 327 -20.23 -11.40 10.34
CA GLY A 327 -19.82 -11.58 11.70
C GLY A 327 -19.42 -10.25 12.29
N TYR A 328 -18.50 -9.56 11.63
CA TYR A 328 -18.32 -8.14 11.91
C TYR A 328 -19.62 -7.38 11.64
N LEU A 329 -20.18 -7.54 10.44
CA LEU A 329 -21.44 -6.88 10.14
C LEU A 329 -22.54 -7.37 11.06
N GLU A 330 -22.47 -8.64 11.47
CA GLU A 330 -23.54 -9.23 12.24
C GLU A 330 -23.47 -8.81 13.69
N GLN A 331 -22.28 -8.55 14.20
CA GLN A 331 -22.21 -7.99 15.53
C GLN A 331 -22.60 -6.51 15.55
N ILE A 332 -22.49 -5.81 14.44
CA ILE A 332 -23.03 -4.47 14.38
C ILE A 332 -24.57 -4.50 14.48
N ARG A 333 -25.19 -5.52 13.87
CA ARG A 333 -26.66 -5.63 13.93
C ARG A 333 -27.14 -5.87 15.34
N THR A 334 -26.51 -6.82 16.04
CA THR A 334 -26.80 -7.07 17.44
C THR A 334 -26.75 -5.80 18.28
N HIS A 335 -25.60 -5.10 18.25
CA HIS A 335 -25.39 -3.96 19.11
C HIS A 335 -26.18 -2.74 18.66
N LEU A 336 -26.45 -2.60 17.36
CA LEU A 336 -27.40 -1.56 16.96
C LEU A 336 -28.78 -1.82 17.55
N ALA A 337 -29.23 -3.08 17.51
CA ALA A 337 -30.56 -3.44 18.00
C ALA A 337 -30.72 -3.08 19.47
N SER A 338 -29.74 -3.45 20.30
CA SER A 338 -29.86 -3.16 21.73
C SER A 338 -29.73 -1.68 22.04
N ALA A 339 -28.92 -0.93 21.26
CA ALA A 339 -28.83 0.52 21.47
C ALA A 339 -30.18 1.20 21.26
N LEU A 340 -30.96 0.71 20.30
CA LEU A 340 -32.29 1.26 20.01
C LEU A 340 -33.41 0.54 20.75
N GLY A 341 -33.11 -0.46 21.58
CA GLY A 341 -34.18 -1.15 22.29
C GLY A 341 -35.20 -1.83 21.38
N ILE A 342 -34.73 -2.58 20.38
CA ILE A 342 -35.56 -3.35 19.48
C ILE A 342 -34.86 -4.67 19.24
N VAL A 343 -35.44 -5.51 18.35
CA VAL A 343 -34.94 -6.86 18.04
C VAL A 343 -34.18 -6.84 16.73
N ARG A 344 -33.16 -7.71 16.63
CA ARG A 344 -32.23 -7.69 15.51
C ARG A 344 -32.95 -7.60 14.16
N GLU A 345 -34.18 -8.10 14.11
CA GLU A 345 -34.88 -8.30 12.84
C GLU A 345 -35.44 -7.02 12.24
N ARG A 346 -35.43 -5.92 12.99
CA ARG A 346 -35.92 -4.64 12.49
C ARG A 346 -34.82 -3.80 11.87
N ILE A 347 -33.56 -4.25 11.97
CA ILE A 347 -32.42 -3.53 11.43
C ILE A 347 -32.02 -4.20 10.09
N PRO A 348 -32.15 -3.48 8.97
CA PRO A 348 -31.85 -4.11 7.67
C PRO A 348 -30.38 -4.50 7.56
N GLN A 349 -30.00 -5.12 6.44
CA GLN A 349 -28.61 -5.35 6.07
C GLN A 349 -28.12 -4.24 5.16
N PRO A 350 -26.85 -3.86 5.28
CA PRO A 350 -26.32 -2.73 4.50
C PRO A 350 -26.12 -3.09 3.03
N LEU A 351 -26.15 -2.07 2.17
CA LEU A 351 -25.66 -2.26 0.80
C LEU A 351 -24.13 -2.32 0.76
N ALA A 352 -23.48 -1.31 1.36
CA ALA A 352 -22.04 -1.15 1.32
C ALA A 352 -21.55 -0.58 2.64
N HIS A 353 -20.31 -0.88 2.98
CA HIS A 353 -19.73 -0.41 4.23
C HIS A 353 -18.23 -0.17 4.07
N VAL A 354 -17.66 0.66 4.95
CA VAL A 354 -16.24 0.97 4.94
C VAL A 354 -15.77 1.07 6.38
N HIS A 355 -14.53 0.67 6.66
CA HIS A 355 -13.96 0.85 7.99
C HIS A 355 -12.49 1.23 7.89
N LYS A 356 -11.95 1.71 9.00
CA LYS A 356 -10.55 2.09 9.04
C LYS A 356 -10.04 1.95 10.47
N TYR A 357 -8.82 1.46 10.60
CA TYR A 357 -8.15 1.23 11.87
C TYR A 357 -6.81 1.95 11.86
N TRP A 358 -6.55 2.75 12.90
CA TRP A 358 -5.32 3.52 13.00
C TRP A 358 -4.55 3.02 14.22
N ALA A 359 -3.44 2.32 13.97
CA ALA A 359 -2.62 1.77 15.05
C ALA A 359 -2.14 2.86 16.02
N HIS A 360 -1.91 4.08 15.55
CA HIS A 360 -1.53 5.19 16.42
C HIS A 360 -2.42 6.38 16.03
N GLY A 361 -3.72 6.27 16.33
CA GLY A 361 -4.65 7.32 15.92
C GLY A 361 -4.29 8.67 16.54
N VAL A 362 -4.06 8.69 17.85
CA VAL A 362 -3.70 9.92 18.53
C VAL A 362 -2.42 9.67 19.33
N GLU A 363 -1.44 10.56 19.16
CA GLU A 363 -0.17 10.52 19.89
C GLU A 363 -0.06 11.78 20.75
N PHE A 364 0.37 11.61 21.99
CA PHE A 364 0.42 12.69 22.97
C PHE A 364 1.75 12.66 23.71
N CYS A 365 2.07 13.77 24.39
CA CYS A 365 3.16 13.85 25.33
C CYS A 365 2.67 13.44 26.72
N ARG A 366 3.60 13.00 27.57
CA ARG A 366 3.26 12.51 28.91
C ARG A 366 3.88 13.37 30.01
N ASP A 367 3.88 14.69 29.84
CA ASP A 367 4.38 15.62 30.85
C ASP A 367 3.86 17.02 30.54
N SER A 368 3.99 17.91 31.53
CA SER A 368 3.55 19.30 31.39
C SER A 368 2.06 19.43 31.06
N ILE A 370 6.53 19.85 32.47
CA ILE A 370 7.49 20.89 32.15
C ILE A 370 7.28 21.45 30.74
N ASP A 371 7.54 22.75 30.58
CA ASP A 371 7.23 23.50 29.36
C ASP A 371 7.83 22.87 28.11
N HIS A 372 6.97 22.32 27.26
CA HIS A 372 7.37 21.59 26.06
C HIS A 372 7.23 22.50 24.85
N PRO A 373 8.26 22.65 24.02
CA PRO A 373 8.17 23.59 22.88
C PRO A 373 7.29 23.04 21.76
N SER A 374 6.94 23.93 20.82
CA SER A 374 6.03 23.56 19.73
C SER A 374 6.67 22.59 18.75
N ALA A 375 7.94 22.81 18.41
CA ALA A 375 8.69 21.92 17.55
C ALA A 375 10.04 21.65 18.18
N LEU A 376 10.68 20.55 17.76
CA LEU A 376 11.90 20.08 18.42
C LEU A 376 13.09 20.21 17.48
N SER A 377 14.28 20.05 18.08
CA SER A 377 15.55 20.21 17.39
C SER A 377 16.58 19.21 17.92
N HIS A 378 17.14 18.40 17.02
CA HIS A 378 18.15 17.43 17.44
C HIS A 378 19.33 18.13 18.10
N ARG A 379 19.64 17.69 19.32
CA ARG A 379 20.73 18.23 20.12
C ARG A 379 22.04 18.36 19.33
N ASP A 380 22.28 17.50 18.35
CA ASP A 380 23.60 17.39 17.75
C ASP A 380 23.66 17.75 16.27
N SER A 381 22.65 17.39 15.48
CA SER A 381 22.72 17.48 14.02
C SER A 381 21.95 18.64 13.41
N GLY A 382 21.02 19.25 14.14
CA GLY A 382 20.21 20.33 13.62
C GLY A 382 18.98 19.93 12.84
N ILE A 383 18.58 18.66 12.87
CA ILE A 383 17.33 18.22 12.27
C ILE A 383 16.18 18.74 13.13
N ILE A 384 15.05 19.07 12.48
CA ILE A 384 13.90 19.64 13.16
C ILE A 384 12.69 18.69 13.04
N ALA A 385 12.00 18.47 14.16
CA ALA A 385 10.80 17.64 14.22
C ALA A 385 9.54 18.51 14.35
N CYS A 386 8.41 17.95 13.90
CA CYS A 386 7.19 18.73 13.70
C CYS A 386 5.99 17.79 13.79
N SER A 387 5.16 17.95 14.82
CA SER A 387 4.03 17.05 15.04
C SER A 387 2.97 17.73 15.89
N ASP A 388 1.70 17.35 15.67
CA ASP A 388 0.64 17.79 16.57
C ASP A 388 0.96 17.42 18.02
N ALA A 389 1.69 16.31 18.23
CA ALA A 389 1.94 15.75 19.55
C ALA A 389 2.89 16.58 20.40
N TYR A 390 3.48 17.65 19.85
CA TYR A 390 4.36 18.52 20.60
C TYR A 390 3.67 19.79 21.06
N THR A 391 2.35 19.88 20.89
CA THR A 391 1.62 21.09 21.20
C THR A 391 0.56 20.80 22.26
N GLU A 392 -0.05 21.87 22.75
CA GLU A 392 -1.20 21.75 23.64
C GLU A 392 -2.40 21.15 22.93
N HIS A 393 -2.41 21.21 21.59
CA HIS A 393 -3.48 20.61 20.79
C HIS A 393 -3.07 19.26 20.19
N CYS A 394 -2.24 18.49 20.91
CA CYS A 394 -1.98 17.12 20.51
C CYS A 394 -3.31 16.39 20.33
N GLY A 395 -3.42 15.67 19.20
CA GLY A 395 -4.66 15.02 18.80
C GLY A 395 -5.59 15.83 17.92
N TRP A 396 -5.14 16.98 17.40
CA TRP A 396 -6.03 17.84 16.61
C TRP A 396 -5.23 18.49 15.49
N MET A 397 -5.92 18.76 14.38
CA MET A 397 -5.25 19.37 13.22
C MET A 397 -4.63 20.71 13.58
N GLU A 398 -5.34 21.51 14.37
CA GLU A 398 -4.81 22.76 14.89
C GLU A 398 -3.42 22.57 15.50
N GLY A 399 -3.20 21.42 16.16
CA GLY A 399 -1.87 21.17 16.68
C GLY A 399 -0.82 21.00 15.59
N GLY A 400 -1.23 20.55 14.40
CA GLY A 400 -0.28 20.43 13.33
C GLY A 400 0.15 21.78 12.80
N LEU A 401 -0.82 22.70 12.65
CA LEU A 401 -0.52 24.01 12.11
C LEU A 401 0.32 24.84 13.06
N LEU A 402 0.13 24.65 14.38
CA LEU A 402 0.98 25.36 15.35
C LEU A 402 2.42 24.90 15.24
N SER A 403 2.66 23.60 15.36
CA SER A 403 4.03 23.08 15.28
C SER A 403 4.71 23.42 13.94
N ALA A 404 3.93 23.44 12.85
CA ALA A 404 4.49 23.79 11.56
C ALA A 404 5.04 25.20 11.57
N ARG A 405 4.33 26.13 12.21
CA ARG A 405 4.78 27.51 12.20
C ARG A 405 6.06 27.67 13.00
N GLU A 406 6.14 27.05 14.17
CA GLU A 406 7.37 27.15 14.94
C GLU A 406 8.50 26.42 14.22
N ALA A 407 8.25 25.18 13.75
CA ALA A 407 9.28 24.40 13.07
C ALA A 407 9.83 25.13 11.85
N SER A 408 8.93 25.73 11.05
CA SER A 408 9.43 26.46 9.89
C SER A 408 10.19 27.71 10.30
N ARG A 409 10.02 28.22 11.53
CA ARG A 409 10.80 29.36 11.98
C ARG A 409 12.18 28.96 12.49
N LEU A 410 12.32 27.81 13.16
CA LEU A 410 13.66 27.39 13.58
C LEU A 410 14.56 27.16 12.37
N LEU A 411 14.01 26.61 11.29
CA LEU A 411 14.80 26.35 10.11
C LEU A 411 15.11 27.64 9.34
N LEU A 412 14.24 28.65 9.43
CA LEU A 412 14.58 29.94 8.82
C LEU A 412 15.81 30.56 9.50
N GLN A 413 15.95 30.39 10.81
CA GLN A 413 17.16 30.92 11.44
C GLN A 413 18.38 30.03 11.22
N ARG A 414 18.20 28.74 10.96
CA ARG A 414 19.34 27.94 10.51
C ARG A 414 19.88 28.49 9.21
N ILE A 415 19.01 29.14 8.42
CA ILE A 415 19.38 29.63 7.09
C ILE A 415 19.99 31.02 7.12
N ALA A 416 20.08 31.65 8.30
CA ALA A 416 20.86 32.89 8.45
C ALA A 416 21.68 32.88 9.74
N LYS B 1 -10.02 -18.11 18.96
CA LYS B 1 -9.40 -19.10 18.07
C LYS B 1 -9.17 -18.49 16.68
N HIS B 2 -7.90 -18.52 16.24
CA HIS B 2 -7.50 -18.05 14.91
C HIS B 2 -6.57 -19.12 14.30
N SER B 3 -7.11 -20.02 13.49
CA SER B 3 -6.39 -21.23 13.10
C SER B 3 -7.02 -21.86 11.86
N SER B 4 -6.38 -22.93 11.36
CA SER B 4 -6.88 -23.69 10.21
C SER B 4 -6.22 -25.06 10.18
N ASP B 5 -6.81 -25.98 9.41
CA ASP B 5 -6.14 -27.25 9.09
C ASP B 5 -5.03 -27.05 8.06
N ILE B 6 -5.35 -26.36 6.97
CA ILE B 6 -4.42 -26.07 5.89
C ILE B 6 -4.30 -24.55 5.72
N CYS B 7 -3.09 -24.09 5.45
CA CYS B 7 -2.82 -22.68 5.21
C CYS B 7 -1.94 -22.51 3.97
N ILE B 8 -2.33 -21.59 3.09
CA ILE B 8 -1.55 -21.23 1.92
C ILE B 8 -1.24 -19.75 2.01
N VAL B 9 0.05 -19.41 1.95
CA VAL B 9 0.50 -18.02 1.89
C VAL B 9 0.90 -17.71 0.45
N GLY B 10 0.21 -16.75 -0.14
CA GLY B 10 0.46 -16.44 -1.53
C GLY B 10 -0.78 -16.75 -2.33
N ALA B 11 -1.37 -15.74 -2.95
CA ALA B 11 -2.56 -15.89 -3.76
C ALA B 11 -2.28 -15.42 -5.19
N GLY B 12 -1.12 -15.81 -5.71
CA GLY B 12 -0.88 -15.80 -7.14
C GLY B 12 -1.48 -17.04 -7.78
N ILE B 13 -1.11 -17.26 -9.03
CA ILE B 13 -1.67 -18.39 -9.78
C ILE B 13 -1.24 -19.70 -9.17
N SER B 14 -0.03 -19.76 -8.58
CA SER B 14 0.40 -20.93 -7.84
C SER B 14 -0.50 -21.20 -6.64
N GLY B 15 -0.63 -20.19 -5.75
CA GLY B 15 -1.35 -20.41 -4.51
C GLY B 15 -2.81 -20.75 -4.72
N LEU B 16 -3.47 -20.09 -5.67
CA LEU B 16 -4.88 -20.36 -5.89
C LEU B 16 -5.08 -21.73 -6.52
N THR B 17 -4.17 -22.14 -7.42
CA THR B 17 -4.26 -23.45 -8.02
C THR B 17 -3.93 -24.55 -7.00
N CYS B 18 -2.92 -24.33 -6.15
CA CYS B 18 -2.73 -25.21 -5.00
C CYS B 18 -4.03 -25.40 -4.23
N ALA B 19 -4.68 -24.30 -3.87
CA ALA B 19 -5.93 -24.42 -3.13
C ALA B 19 -6.99 -25.16 -3.95
N SER B 20 -7.00 -24.94 -5.28
CA SER B 20 -8.00 -25.58 -6.13
C SER B 20 -7.85 -27.10 -6.15
N HIS B 21 -6.61 -27.59 -6.24
CA HIS B 21 -6.37 -29.04 -6.22
C HIS B 21 -6.74 -29.65 -4.88
N LEU B 22 -6.43 -28.97 -3.78
CA LEU B 22 -6.72 -29.53 -2.46
C LEU B 22 -8.21 -29.67 -2.23
N LEU B 23 -8.98 -28.62 -2.51
CA LEU B 23 -10.43 -28.70 -2.31
C LEU B 23 -11.08 -29.71 -3.25
N ASP B 24 -10.48 -29.98 -4.41
CA ASP B 24 -11.01 -31.03 -5.29
C ASP B 24 -10.85 -32.41 -4.67
N SER B 25 -9.83 -32.59 -3.80
CA SER B 25 -9.41 -33.91 -3.33
C SER B 25 -10.38 -34.44 -2.27
N PRO B 26 -10.70 -35.73 -2.32
CA PRO B 26 -11.58 -36.30 -1.28
C PRO B 26 -10.96 -36.31 0.11
N ALA B 27 -9.63 -36.46 0.21
CA ALA B 27 -8.94 -36.51 1.49
C ALA B 27 -8.90 -35.18 2.23
N CYS B 28 -9.50 -34.10 1.70
CA CYS B 28 -9.58 -32.83 2.41
C CYS B 28 -10.99 -32.48 2.85
N ARG B 29 -11.93 -33.42 2.73
CA ARG B 29 -13.28 -33.20 3.28
C ARG B 29 -13.21 -32.97 4.78
N GLY B 30 -13.93 -31.94 5.23
CA GLY B 30 -13.97 -31.55 6.63
C GLY B 30 -12.93 -30.53 7.02
N LEU B 31 -11.75 -30.56 6.40
CA LEU B 31 -10.63 -29.74 6.83
C LEU B 31 -10.80 -28.28 6.41
N SER B 32 -10.19 -27.40 7.19
CA SER B 32 -10.31 -25.95 7.06
C SER B 32 -9.11 -25.40 6.30
N LEU B 33 -9.33 -24.40 5.44
CA LEU B 33 -8.31 -23.86 4.53
C LEU B 33 -8.30 -22.34 4.53
N ARG B 34 -7.15 -21.73 4.88
CA ARG B 34 -7.02 -20.29 4.89
C ARG B 34 -5.88 -19.79 4.01
N ILE B 35 -6.18 -18.84 3.14
CA ILE B 35 -5.22 -18.25 2.20
C ILE B 35 -4.91 -16.81 2.62
N PHE B 36 -3.63 -16.54 2.90
CA PHE B 36 -3.10 -15.20 3.14
C PHE B 36 -2.42 -14.65 1.89
N ASP B 37 -2.41 -13.32 1.77
CA ASP B 37 -1.56 -12.65 0.78
C ASP B 37 -1.35 -11.20 1.21
N MET B 38 -0.14 -10.68 0.96
CA MET B 38 0.15 -9.34 1.45
C MET B 38 -0.52 -8.26 0.61
N GLN B 39 -0.89 -8.53 -0.63
CA GLN B 39 -1.59 -7.53 -1.43
C GLN B 39 -3.07 -7.52 -1.06
N GLN B 40 -3.76 -6.45 -1.46
CA GLN B 40 -5.19 -6.33 -1.23
C GLN B 40 -6.01 -7.05 -2.28
N GLU B 41 -5.44 -7.30 -3.46
CA GLU B 41 -6.10 -8.04 -4.52
C GLU B 41 -5.26 -9.28 -4.85
N ALA B 42 -5.90 -10.29 -5.44
CA ALA B 42 -5.21 -11.52 -5.79
C ALA B 42 -4.65 -11.46 -7.22
N GLY B 43 -3.56 -12.19 -7.43
CA GLY B 43 -3.05 -12.38 -8.77
C GLY B 43 -1.54 -12.26 -8.91
N GLY B 44 -0.85 -11.86 -7.85
CA GLY B 44 0.61 -11.77 -7.90
C GLY B 44 1.13 -10.89 -9.03
N ARG B 45 1.99 -11.45 -9.90
CA ARG B 45 2.53 -10.78 -11.08
C ARG B 45 1.57 -10.84 -12.28
N ILE B 46 0.31 -11.22 -12.04
CA ILE B 46 -0.79 -10.97 -12.96
C ILE B 46 -1.51 -9.72 -12.47
N ARG B 47 -1.64 -8.72 -13.33
CA ARG B 47 -2.26 -7.46 -12.90
C ARG B 47 -2.88 -6.73 -14.07
N SER B 48 -4.21 -6.79 -14.20
CA SER B 48 -4.92 -6.12 -15.29
C SER B 48 -5.49 -4.80 -14.80
N LYS B 49 -5.46 -3.78 -15.66
CA LYS B 49 -5.97 -2.46 -15.33
C LYS B 49 -6.76 -1.94 -16.50
N MET B 50 -7.41 -0.80 -16.34
CA MET B 50 -8.12 -0.18 -17.45
C MET B 50 -7.50 1.18 -17.60
N LEU B 51 -6.75 1.42 -18.66
CA LEU B 51 -6.08 2.70 -18.84
C LEU B 51 -6.94 3.91 -19.06
N ASP B 52 -7.90 3.78 -19.94
CA ASP B 52 -8.80 4.86 -20.22
C ASP B 52 -10.01 4.04 -20.33
N GLY B 53 -11.15 4.58 -20.01
CA GLY B 53 -12.27 3.65 -20.07
C GLY B 53 -12.26 2.77 -21.32
N LYS B 54 -11.32 3.02 -22.23
CA LYS B 54 -11.33 2.35 -23.53
C LYS B 54 -10.88 0.90 -23.43
N ALA B 55 -9.78 0.62 -22.73
CA ALA B 55 -9.12 -0.67 -22.95
C ALA B 55 -8.47 -1.19 -21.68
N SER B 56 -8.37 -2.52 -21.61
CA SER B 56 -7.73 -3.24 -20.52
C SER B 56 -6.29 -3.57 -20.92
N ILE B 57 -5.39 -3.52 -19.94
CA ILE B 57 -3.96 -3.68 -20.19
C ILE B 57 -3.31 -4.56 -19.14
N GLU B 58 -2.15 -5.12 -19.49
CA GLU B 58 -1.44 -6.07 -18.66
C GLU B 58 -0.19 -5.41 -18.08
N LEU B 59 -0.25 -5.08 -16.79
CA LEU B 59 0.93 -4.54 -16.14
C LEU B 59 1.96 -5.62 -15.86
N GLY B 60 1.52 -6.85 -15.62
CA GLY B 60 2.41 -7.97 -15.56
C GLY B 60 2.24 -8.88 -16.77
N ALA B 61 1.97 -10.17 -16.52
CA ALA B 61 1.90 -11.17 -17.58
C ALA B 61 0.84 -10.84 -18.63
N GLY B 62 1.21 -10.97 -19.90
CA GLY B 62 0.37 -10.55 -21.02
C GLY B 62 0.10 -11.54 -22.13
N ARG B 63 0.88 -12.62 -22.23
CA ARG B 63 0.67 -13.49 -23.38
C ARG B 63 1.02 -14.93 -23.05
N TYR B 64 0.43 -15.86 -23.82
CA TYR B 64 0.78 -17.28 -23.71
C TYR B 64 0.73 -17.93 -25.09
N SER B 65 1.30 -19.14 -25.17
CA SER B 65 1.25 -19.92 -26.39
C SER B 65 0.61 -21.27 -26.13
N PRO B 66 -0.42 -21.65 -26.88
CA PRO B 66 -0.98 -23.02 -26.74
C PRO B 66 0.06 -24.12 -26.91
N GLN B 67 1.02 -23.97 -27.83
CA GLN B 67 2.05 -25.00 -27.98
C GLN B 67 2.98 -25.01 -26.76
N LEU B 68 3.45 -23.84 -26.32
CA LEU B 68 4.45 -23.84 -25.27
C LEU B 68 3.86 -24.12 -23.91
N HIS B 69 2.58 -23.76 -23.69
CA HIS B 69 1.93 -23.81 -22.38
C HIS B 69 0.57 -24.52 -22.43
N PRO B 70 0.57 -25.85 -22.51
CA PRO B 70 -0.72 -26.56 -22.65
C PRO B 70 -1.60 -26.48 -21.41
N HIS B 71 -1.00 -26.56 -20.22
CA HIS B 71 -1.80 -26.49 -19.00
C HIS B 71 -2.43 -25.11 -18.81
N PHE B 72 -1.70 -24.02 -19.10
CA PHE B 72 -2.31 -22.69 -19.01
C PHE B 72 -3.45 -22.55 -20.01
N GLN B 73 -3.23 -22.98 -21.26
CA GLN B 73 -4.28 -22.97 -22.26
C GLN B 73 -5.48 -23.80 -21.81
N SER B 74 -5.24 -24.78 -20.94
CA SER B 74 -6.33 -25.64 -20.46
C SER B 74 -7.07 -24.97 -19.31
N ALA B 75 -6.34 -24.27 -18.43
CA ALA B 75 -6.98 -23.49 -17.37
C ALA B 75 -7.91 -22.43 -17.94
N MET B 76 -7.44 -21.68 -18.96
CA MET B 76 -8.29 -20.70 -19.62
C MET B 76 -9.64 -21.31 -20.01
N GLN B 77 -9.63 -22.54 -20.49
CA GLN B 77 -10.85 -23.13 -21.03
C GLN B 77 -11.71 -23.75 -19.92
N HIS B 78 -11.07 -24.32 -18.90
CA HIS B 78 -11.80 -24.80 -17.74
C HIS B 78 -12.61 -23.70 -17.06
N TYR B 79 -12.19 -22.44 -17.19
CA TYR B 79 -12.91 -21.33 -16.58
C TYR B 79 -13.58 -20.43 -17.61
N SER B 80 -13.68 -20.89 -18.86
CA SER B 80 -14.49 -20.21 -19.89
C SER B 80 -14.02 -18.77 -20.15
N GLN B 81 -12.70 -18.54 -20.20
CA GLN B 81 -12.17 -17.21 -20.50
C GLN B 81 -11.88 -17.09 -22.00
N LYS B 82 -12.45 -16.08 -22.65
CA LYS B 82 -12.20 -15.88 -24.08
C LYS B 82 -10.77 -15.39 -24.34
N SER B 83 -10.18 -15.89 -25.42
CA SER B 83 -8.83 -15.53 -25.88
C SER B 83 -8.90 -14.61 -27.09
N GLU B 84 -7.75 -14.04 -27.45
CA GLU B 84 -7.67 -13.28 -28.68
C GLU B 84 -6.25 -13.43 -29.24
N VAL B 85 -6.11 -13.19 -30.55
CA VAL B 85 -4.79 -13.34 -31.16
C VAL B 85 -3.87 -12.24 -30.66
N TYR B 86 -2.63 -12.62 -30.31
CA TYR B 86 -1.61 -11.69 -29.89
C TYR B 86 -0.83 -11.22 -31.12
N PRO B 87 -0.89 -9.94 -31.50
CA PRO B 87 -0.38 -9.54 -32.82
C PRO B 87 1.13 -9.48 -32.95
N PHE B 88 1.87 -9.36 -31.86
CA PHE B 88 3.27 -8.95 -31.91
C PHE B 88 4.19 -10.17 -32.10
N THR B 89 3.96 -10.86 -33.21
CA THR B 89 4.67 -12.09 -33.55
C THR B 89 5.68 -11.86 -34.67
N GLN B 90 5.83 -10.62 -35.13
CA GLN B 90 6.62 -10.30 -36.31
C GLN B 90 7.24 -8.92 -36.17
N LEU B 91 8.51 -8.82 -36.53
CA LEU B 91 9.23 -7.54 -36.65
C LEU B 91 9.06 -7.06 -38.09
N LYS B 92 7.97 -6.33 -38.34
CA LYS B 92 7.66 -5.88 -39.70
C LYS B 92 8.61 -4.81 -40.20
N PHE B 93 9.33 -4.14 -39.31
CA PHE B 93 10.23 -3.09 -39.75
C PHE B 93 11.64 -3.39 -39.27
N LYS B 94 12.22 -4.43 -39.85
CA LYS B 94 13.54 -4.87 -39.46
C LYS B 94 14.67 -3.92 -39.80
N SER B 95 15.70 -3.99 -39.00
CA SER B 95 16.87 -3.19 -39.17
C SER B 95 17.89 -4.18 -39.65
N HIS B 96 18.89 -3.63 -40.31
CA HIS B 96 19.97 -4.38 -40.95
C HIS B 96 20.43 -5.57 -40.13
N VAL B 97 20.58 -5.39 -38.81
CA VAL B 97 21.10 -6.45 -37.95
C VAL B 97 20.12 -7.62 -37.81
N GLN B 98 18.81 -7.37 -37.92
CA GLN B 98 17.86 -8.48 -37.96
C GLN B 98 18.23 -9.55 -38.97
N GLN B 99 18.59 -9.13 -40.19
CA GLN B 99 18.80 -10.10 -41.24
C GLN B 99 19.98 -11.02 -40.92
N LYS B 100 21.14 -10.43 -40.59
CA LYS B 100 22.29 -11.22 -40.15
C LYS B 100 21.94 -12.11 -38.96
N LEU B 101 20.99 -11.68 -38.14
CA LEU B 101 20.75 -12.30 -36.84
C LEU B 101 20.30 -13.77 -37.00
N LYS B 102 19.30 -14.01 -37.84
CA LYS B 102 18.92 -15.39 -38.14
C LYS B 102 20.12 -16.20 -38.64
N ARG B 103 20.95 -15.60 -39.50
CA ARG B 103 22.01 -16.38 -40.16
C ARG B 103 23.10 -16.79 -39.18
N ALA B 104 23.54 -15.87 -38.32
CA ALA B 104 24.60 -16.20 -37.37
C ALA B 104 24.11 -17.15 -36.30
N MET B 105 22.85 -17.04 -35.90
CA MET B 105 22.33 -17.95 -34.87
C MET B 105 22.31 -19.38 -35.37
N ASN B 106 21.84 -19.58 -36.60
CA ASN B 106 21.94 -20.91 -37.22
C ASN B 106 23.40 -21.27 -37.50
N GLU B 107 24.28 -20.28 -37.66
CA GLU B 107 25.69 -20.56 -37.94
C GLU B 107 26.45 -20.96 -36.67
N LEU B 108 26.18 -20.29 -35.55
CA LEU B 108 26.90 -20.58 -34.30
C LEU B 108 26.32 -21.77 -33.53
N SER B 109 25.09 -22.17 -33.86
CA SER B 109 24.37 -23.26 -33.19
C SER B 109 25.15 -24.57 -33.07
N PRO B 110 26.11 -24.89 -33.99
CA PRO B 110 26.95 -26.07 -33.77
C PRO B 110 27.64 -26.05 -32.41
N ARG B 111 28.42 -25.00 -32.16
CA ARG B 111 29.35 -24.93 -31.05
C ARG B 111 28.70 -25.31 -29.72
N LEU B 112 29.04 -26.49 -29.21
CA LEU B 112 28.61 -26.93 -27.89
C LEU B 112 29.11 -25.99 -26.79
N GLY B 116 29.43 -22.73 -25.43
CA GLY B 116 28.28 -23.33 -24.80
C GLY B 116 28.44 -23.47 -23.30
N LYS B 117 27.33 -23.33 -22.56
CA LYS B 117 27.32 -23.28 -21.10
C LYS B 117 28.11 -22.08 -20.58
N GLU B 118 28.70 -21.31 -21.50
CA GLU B 118 29.41 -20.07 -21.23
C GLU B 118 28.50 -18.87 -21.46
N SER B 119 28.87 -17.73 -20.88
CA SER B 119 28.03 -16.54 -20.96
C SER B 119 27.77 -16.17 -22.41
N PHE B 120 26.51 -16.01 -22.76
CA PHE B 120 26.13 -15.83 -24.16
C PHE B 120 26.84 -14.66 -24.82
N LEU B 121 27.23 -13.63 -24.04
CA LEU B 121 27.97 -12.51 -24.62
C LEU B 121 29.37 -12.94 -25.05
N GLN B 122 30.10 -13.62 -24.16
CA GLN B 122 31.45 -14.04 -24.52
C GLN B 122 31.41 -15.05 -25.66
N PHE B 123 30.40 -15.93 -25.66
CA PHE B 123 30.28 -16.93 -26.72
C PHE B 123 29.99 -16.26 -28.06
N VAL B 124 28.91 -15.48 -28.14
CA VAL B 124 28.57 -14.79 -29.38
C VAL B 124 29.69 -13.88 -29.87
N SER B 125 30.64 -13.53 -29.02
CA SER B 125 31.80 -12.77 -29.42
C SER B 125 33.05 -13.64 -29.55
N ARG B 126 32.93 -14.95 -29.30
CA ARG B 126 34.01 -15.87 -29.65
C ARG B 126 34.17 -15.96 -31.16
N TYR B 127 33.13 -16.42 -31.85
CA TYR B 127 33.14 -16.59 -33.29
C TYR B 127 32.83 -15.32 -34.07
N GLN B 128 32.79 -14.15 -33.42
CA GLN B 128 32.52 -12.89 -34.10
C GLN B 128 33.10 -11.75 -33.28
N GLY B 129 33.21 -10.58 -33.91
CA GLY B 129 33.81 -9.45 -33.23
C GLY B 129 33.02 -9.09 -31.98
N HIS B 130 33.75 -8.76 -30.91
CA HIS B 130 33.08 -8.41 -29.65
C HIS B 130 32.16 -7.22 -29.83
N ASP B 131 32.64 -6.15 -30.44
CA ASP B 131 31.78 -5.00 -30.74
C ASP B 131 30.69 -5.36 -31.75
N SER B 132 30.88 -6.41 -32.54
CA SER B 132 29.86 -6.85 -33.47
C SER B 132 28.81 -7.72 -32.80
N ALA B 133 29.20 -8.46 -31.75
CA ALA B 133 28.26 -9.29 -31.01
C ALA B 133 27.31 -8.43 -30.19
N VAL B 134 27.84 -7.43 -29.47
CA VAL B 134 27.02 -6.44 -28.77
C VAL B 134 25.97 -5.85 -29.72
N GLY B 135 26.35 -5.62 -30.97
CA GLY B 135 25.40 -5.04 -31.91
C GLY B 135 24.22 -5.95 -32.18
N MET B 136 24.46 -7.25 -32.27
CA MET B 136 23.40 -8.16 -32.68
C MET B 136 22.60 -8.72 -31.52
N ILE B 137 23.25 -8.97 -30.38
CA ILE B 137 22.51 -9.37 -29.18
C ILE B 137 21.49 -8.30 -28.81
N ARG B 138 21.92 -7.03 -28.85
CA ARG B 138 21.06 -5.89 -28.53
C ARG B 138 19.92 -5.70 -29.53
N SER B 139 20.04 -6.25 -30.74
CA SER B 139 18.94 -6.16 -31.69
C SER B 139 17.77 -7.05 -31.29
N MET B 140 17.96 -7.92 -30.32
CA MET B 140 16.91 -8.80 -29.87
C MET B 140 16.02 -8.19 -28.79
N GLY B 141 16.45 -7.09 -28.15
CA GLY B 141 15.54 -6.28 -27.36
C GLY B 141 15.41 -6.65 -25.89
N TYR B 142 16.07 -7.71 -25.43
CA TYR B 142 16.02 -8.19 -24.05
C TYR B 142 17.43 -8.19 -23.49
N ASP B 143 17.69 -7.30 -22.53
CA ASP B 143 18.99 -7.17 -21.90
C ASP B 143 19.30 -8.23 -20.85
N ALA B 144 18.41 -9.18 -20.57
CA ALA B 144 18.88 -10.35 -19.85
C ALA B 144 19.99 -11.04 -20.63
N LEU B 145 19.92 -11.02 -21.96
CA LEU B 145 20.88 -11.77 -22.77
C LEU B 145 22.32 -11.28 -22.61
N PHE B 146 22.54 -10.10 -22.01
CA PHE B 146 23.89 -9.64 -21.74
C PHE B 146 24.42 -10.04 -20.36
N LEU B 147 23.60 -10.66 -19.51
CA LEU B 147 24.05 -10.98 -18.16
C LEU B 147 25.01 -12.16 -18.18
N PRO B 148 26.10 -12.11 -17.41
CA PRO B 148 26.99 -13.28 -17.31
C PRO B 148 26.34 -14.48 -16.66
N ASP B 149 25.52 -14.28 -15.62
CA ASP B 149 24.83 -15.38 -14.96
C ASP B 149 23.91 -16.18 -15.91
N ILE B 150 23.86 -15.85 -17.20
CA ILE B 150 23.03 -16.55 -18.17
C ILE B 150 23.93 -17.22 -19.21
N SER B 151 23.91 -18.54 -19.24
CA SER B 151 24.71 -19.31 -20.19
C SER B 151 24.26 -19.04 -21.62
N ALA B 152 25.15 -19.35 -22.57
CA ALA B 152 24.75 -19.34 -23.97
C ALA B 152 23.72 -20.42 -24.26
N GLU B 153 23.73 -21.51 -23.48
CA GLU B 153 22.65 -22.48 -23.56
C GLU B 153 21.32 -21.84 -23.18
N MET B 154 21.30 -21.15 -22.03
CA MET B 154 20.08 -20.48 -21.58
C MET B 154 19.55 -19.48 -22.59
N ALA B 155 20.45 -18.81 -23.32
CA ALA B 155 20.04 -17.72 -24.19
C ALA B 155 19.26 -18.22 -25.41
N TYR B 156 19.64 -19.37 -25.98
CA TYR B 156 18.90 -19.88 -27.13
C TYR B 156 17.52 -20.38 -26.71
N ASP B 157 17.40 -20.86 -25.48
CA ASP B 157 16.08 -21.19 -24.96
C ASP B 157 15.24 -19.93 -24.75
N ILE B 158 15.86 -18.81 -24.37
CA ILE B 158 15.11 -17.57 -24.20
C ILE B 158 14.64 -17.03 -25.56
N VAL B 159 15.54 -16.97 -26.53
CA VAL B 159 15.17 -16.42 -27.84
C VAL B 159 14.03 -17.21 -28.45
N GLY B 160 14.03 -18.54 -28.26
CA GLY B 160 13.06 -19.39 -28.90
C GLY B 160 11.66 -19.37 -28.31
N LYS B 161 11.47 -18.84 -27.10
CA LYS B 161 10.15 -18.82 -26.46
C LYS B 161 9.53 -17.44 -26.35
N HIS B 162 10.16 -16.39 -26.94
CA HIS B 162 9.45 -15.12 -26.83
C HIS B 162 8.85 -14.72 -28.17
N PRO B 163 7.59 -14.28 -28.22
CA PRO B 163 6.92 -14.11 -29.50
C PRO B 163 7.62 -13.17 -30.48
N GLU B 164 8.49 -12.26 -30.00
CA GLU B 164 9.09 -11.25 -30.87
C GLU B 164 10.34 -11.71 -31.59
N ILE B 165 11.01 -12.76 -31.11
CA ILE B 165 12.27 -13.16 -31.73
C ILE B 165 12.28 -14.66 -32.00
N GLN B 166 11.13 -15.31 -31.86
CA GLN B 166 11.08 -16.77 -32.00
C GLN B 166 11.43 -17.21 -33.42
N SER B 167 11.19 -16.34 -34.41
CA SER B 167 11.51 -16.73 -35.78
C SER B 167 13.01 -16.71 -36.05
N VAL B 168 13.81 -16.17 -35.12
CA VAL B 168 15.27 -16.31 -35.19
C VAL B 168 15.71 -17.74 -34.94
N THR B 169 14.82 -18.57 -34.38
CA THR B 169 15.01 -20.02 -34.28
C THR B 169 13.94 -20.72 -35.12
N ASP B 170 14.02 -22.05 -35.20
CA ASP B 170 13.07 -22.81 -36.00
C ASP B 170 11.74 -22.94 -35.27
N ASN B 171 11.40 -21.93 -34.48
CA ASN B 171 10.19 -21.93 -33.66
C ASN B 171 9.18 -20.88 -34.12
N ASP B 172 9.27 -20.43 -35.37
CA ASP B 172 8.34 -19.39 -35.83
C ASP B 172 6.89 -19.87 -35.91
N ALA B 173 6.57 -21.11 -35.52
CA ALA B 173 5.27 -21.71 -35.75
C ALA B 173 4.41 -21.79 -34.50
N ASN B 174 4.89 -21.30 -33.36
CA ASN B 174 4.06 -21.26 -32.18
C ASN B 174 3.08 -20.11 -32.30
N GLN B 175 1.89 -20.30 -31.72
CA GLN B 175 0.86 -19.29 -31.71
C GLN B 175 0.84 -18.58 -30.36
N TRP B 176 0.44 -17.30 -30.37
CA TRP B 176 0.37 -16.50 -29.15
C TRP B 176 -1.01 -15.85 -29.01
N PHE B 177 -1.55 -15.91 -27.80
CA PHE B 177 -2.86 -15.38 -27.50
C PHE B 177 -2.76 -14.51 -26.27
N ALA B 178 -3.67 -13.56 -26.17
CA ALA B 178 -3.86 -12.77 -24.96
C ALA B 178 -5.30 -12.93 -24.49
N ALA B 179 -5.52 -12.57 -23.22
CA ALA B 179 -6.88 -12.55 -22.69
C ALA B 179 -7.66 -11.39 -23.25
N GLU B 180 -8.95 -11.62 -23.49
CA GLU B 180 -9.81 -10.57 -24.03
C GLU B 180 -10.22 -9.56 -22.96
N THR B 181 -10.52 -10.02 -21.76
CA THR B 181 -10.84 -9.12 -20.66
C THR B 181 -9.72 -9.00 -19.65
N GLY B 182 -8.55 -9.53 -19.96
CA GLY B 182 -7.47 -9.54 -18.99
C GLY B 182 -7.40 -10.84 -18.22
N PHE B 183 -6.17 -11.26 -17.90
CA PHE B 183 -5.96 -12.41 -17.03
C PHE B 183 -6.52 -12.21 -15.63
N ALA B 184 -6.90 -10.98 -15.28
CA ALA B 184 -7.66 -10.78 -14.05
C ALA B 184 -8.85 -11.72 -14.03
N GLY B 185 -9.51 -11.89 -15.18
CA GLY B 185 -10.64 -12.79 -15.32
C GLY B 185 -10.31 -14.26 -15.10
N LEU B 186 -9.07 -14.66 -15.29
CA LEU B 186 -8.76 -16.04 -14.92
C LEU B 186 -8.54 -16.17 -13.41
N ILE B 187 -7.87 -15.17 -12.84
CA ILE B 187 -7.65 -15.15 -11.39
C ILE B 187 -8.98 -15.10 -10.63
N GLN B 188 -9.89 -14.22 -11.06
CA GLN B 188 -11.16 -14.12 -10.37
C GLN B 188 -11.96 -15.42 -10.49
N GLY B 189 -11.73 -16.17 -11.56
CA GLY B 189 -12.46 -17.42 -11.73
C GLY B 189 -12.05 -18.47 -10.71
N ILE B 190 -10.75 -18.67 -10.55
CA ILE B 190 -10.26 -19.64 -9.57
C ILE B 190 -10.62 -19.19 -8.16
N LYS B 191 -10.49 -17.88 -7.88
CA LYS B 191 -10.80 -17.36 -6.55
C LYS B 191 -12.24 -17.61 -6.21
N ALA B 192 -13.14 -17.37 -7.16
CA ALA B 192 -14.56 -17.67 -6.92
C ALA B 192 -14.77 -19.15 -6.60
N LYS B 193 -14.09 -20.05 -7.33
CA LYS B 193 -14.29 -21.49 -7.06
C LYS B 193 -13.79 -21.86 -5.67
N VAL B 194 -12.56 -21.49 -5.35
CA VAL B 194 -11.98 -21.87 -4.07
C VAL B 194 -12.79 -21.28 -2.90
N LYS B 195 -13.31 -20.06 -3.08
CA LYS B 195 -14.13 -19.46 -2.04
C LYS B 195 -15.47 -20.19 -1.90
N ALA B 196 -16.05 -20.64 -3.01
CA ALA B 196 -17.35 -21.30 -2.93
C ALA B 196 -17.24 -22.72 -2.37
N ALA B 197 -16.07 -23.34 -2.44
CA ALA B 197 -15.84 -24.60 -1.73
C ALA B 197 -15.53 -24.39 -0.26
N GLY B 198 -15.50 -23.15 0.21
CA GLY B 198 -15.40 -22.87 1.63
C GLY B 198 -14.06 -22.42 2.15
N ALA B 199 -13.17 -21.91 1.29
CA ALA B 199 -11.91 -21.38 1.79
C ALA B 199 -12.08 -19.92 2.21
N ARG B 200 -11.23 -19.47 3.13
CA ARG B 200 -11.31 -18.11 3.68
C ARG B 200 -10.04 -17.33 3.36
N PHE B 201 -10.22 -16.15 2.76
CA PHE B 201 -9.12 -15.27 2.37
C PHE B 201 -8.87 -14.19 3.41
N SER B 202 -7.61 -14.01 3.79
CA SER B 202 -7.13 -12.83 4.51
C SER B 202 -6.12 -12.12 3.60
N LEU B 203 -6.64 -11.29 2.71
CA LEU B 203 -5.81 -10.43 1.87
C LEU B 203 -5.32 -9.21 2.65
N GLY B 204 -4.13 -8.75 2.31
CA GLY B 204 -3.56 -7.60 2.98
C GLY B 204 -2.72 -7.91 4.18
N TYR B 205 -2.47 -9.20 4.46
CA TYR B 205 -1.59 -9.60 5.56
C TYR B 205 -0.30 -10.19 5.00
N ARG B 206 0.82 -9.83 5.63
CA ARG B 206 2.15 -10.23 5.17
C ARG B 206 2.81 -11.11 6.23
N LEU B 207 3.31 -12.26 5.80
CA LEU B 207 3.97 -13.20 6.69
C LEU B 207 5.37 -12.73 7.01
N LEU B 208 5.68 -12.60 8.30
CA LEU B 208 7.01 -12.19 8.73
C LEU B 208 7.87 -13.36 9.19
N SER B 209 7.28 -14.35 9.87
CA SER B 209 8.01 -15.53 10.29
C SER B 209 7.03 -16.66 10.58
N VAL B 210 7.59 -17.85 10.73
CA VAL B 210 6.85 -19.09 10.96
C VAL B 210 7.67 -19.93 11.94
N ARG B 211 7.00 -20.55 12.90
CA ARG B 211 7.69 -21.41 13.84
C ARG B 211 7.01 -22.77 13.92
N THR B 212 7.80 -23.83 13.81
CA THR B 212 7.25 -25.15 14.04
C THR B 212 6.82 -25.28 15.50
N ASP B 213 5.68 -25.94 15.73
CA ASP B 213 4.99 -25.88 17.02
C ASP B 213 4.18 -27.16 17.23
N GLY B 214 4.73 -28.09 18.02
CA GLY B 214 4.11 -29.39 18.13
C GLY B 214 4.05 -30.00 16.75
N ASP B 215 2.89 -30.57 16.42
CA ASP B 215 2.73 -31.20 15.10
C ASP B 215 2.53 -30.18 13.98
N GLY B 216 2.17 -28.94 14.31
CA GLY B 216 1.87 -27.93 13.30
C GLY B 216 2.82 -26.74 13.32
N TYR B 217 2.34 -25.58 12.86
CA TYR B 217 3.18 -24.39 12.78
C TYR B 217 2.38 -23.15 13.18
N LEU B 218 3.11 -22.13 13.63
CA LEU B 218 2.57 -20.90 14.17
C LEU B 218 3.10 -19.72 13.38
N LEU B 219 2.21 -18.95 12.75
CA LEU B 219 2.59 -17.89 11.82
C LEU B 219 2.45 -16.51 12.46
N GLN B 220 3.47 -15.66 12.24
CA GLN B 220 3.44 -14.23 12.52
C GLN B 220 3.01 -13.48 11.28
N LEU B 221 1.91 -12.74 11.35
CA LEU B 221 1.56 -11.88 10.23
C LEU B 221 1.31 -10.44 10.72
N ALA B 222 1.52 -9.51 9.78
CA ALA B 222 1.33 -8.09 9.99
C ALA B 222 0.40 -7.55 8.92
N GLY B 223 -0.74 -6.99 9.33
CA GLY B 223 -1.62 -6.34 8.39
C GLY B 223 -1.01 -5.07 7.84
N ASP B 224 -1.47 -4.66 6.66
CA ASP B 224 -0.89 -3.47 6.07
C ASP B 224 -1.28 -2.19 6.81
N ASP B 225 -2.07 -2.29 7.88
CA ASP B 225 -2.34 -1.15 8.75
C ASP B 225 -1.74 -1.33 10.14
N GLY B 226 -0.83 -2.29 10.31
CA GLY B 226 -0.11 -2.45 11.54
C GLY B 226 -0.59 -3.58 12.46
N TRP B 227 -1.83 -4.05 12.30
CA TRP B 227 -2.38 -5.08 13.18
C TRP B 227 -1.52 -6.34 13.15
N LYS B 228 -0.96 -6.72 14.30
CA LYS B 228 -0.20 -7.95 14.41
C LYS B 228 -1.16 -9.12 14.55
N LEU B 229 -0.77 -10.27 13.99
CA LEU B 229 -1.67 -11.41 13.89
C LEU B 229 -0.88 -12.71 14.08
N GLU B 230 -1.54 -13.71 14.63
CA GLU B 230 -0.93 -15.03 14.78
C GLU B 230 -1.92 -16.09 14.36
N HIS B 231 -1.45 -17.05 13.56
CA HIS B 231 -2.27 -18.10 12.98
C HIS B 231 -1.57 -19.44 13.20
N ARG B 232 -2.31 -20.43 13.72
CA ARG B 232 -1.81 -21.78 13.89
C ARG B 232 -2.42 -22.68 12.81
N THR B 233 -1.58 -23.46 12.14
CA THR B 233 -2.05 -24.40 11.12
C THR B 233 -1.29 -25.71 11.26
N ARG B 234 -1.81 -26.76 10.60
CA ARG B 234 -1.18 -28.08 10.62
C ARG B 234 -0.45 -28.44 9.32
N HIS B 235 -0.96 -28.01 8.17
CA HIS B 235 -0.29 -28.15 6.89
C HIS B 235 -0.12 -26.78 6.27
N LEU B 236 1.02 -26.54 5.60
CA LEU B 236 1.39 -25.19 5.18
C LEU B 236 2.13 -25.19 3.86
N ILE B 237 1.55 -24.55 2.84
CA ILE B 237 2.24 -24.27 1.59
C ILE B 237 2.63 -22.80 1.55
N LEU B 238 3.90 -22.53 1.20
CA LEU B 238 4.40 -21.19 0.90
C LEU B 238 4.49 -21.04 -0.62
N ALA B 239 3.42 -20.51 -1.22
CA ALA B 239 3.39 -20.26 -2.66
C ALA B 239 3.86 -18.83 -2.94
N ILE B 240 5.16 -18.64 -2.76
CA ILE B 240 5.85 -17.38 -2.98
C ILE B 240 7.16 -17.66 -3.69
N PRO B 241 7.71 -16.67 -4.39
CA PRO B 241 8.94 -16.89 -5.16
C PRO B 241 10.16 -16.92 -4.26
N PRO B 242 11.31 -17.38 -4.76
CA PRO B 242 12.50 -17.48 -3.89
C PRO B 242 12.86 -16.18 -3.18
N SER B 243 12.86 -15.05 -3.88
CA SER B 243 13.21 -13.78 -3.25
C SER B 243 12.41 -13.51 -1.96
N ALA B 244 11.14 -13.95 -1.90
CA ALA B 244 10.36 -13.84 -0.67
C ALA B 244 10.59 -15.00 0.29
N MET B 245 11.08 -16.15 -0.20
CA MET B 245 11.53 -17.19 0.71
C MET B 245 12.72 -16.70 1.54
N ALA B 246 13.66 -15.99 0.89
CA ALA B 246 14.87 -15.56 1.56
C ALA B 246 14.59 -14.62 2.75
N GLY B 247 13.61 -13.72 2.61
CA GLY B 247 13.33 -12.84 3.73
C GLY B 247 12.56 -13.42 4.90
N LEU B 248 12.44 -14.75 5.01
CA LEU B 248 11.58 -15.38 6.01
C LEU B 248 12.39 -16.02 7.14
N ASN B 249 11.64 -16.55 8.11
CA ASN B 249 12.18 -17.29 9.25
C ASN B 249 12.99 -18.52 8.83
N VAL B 250 12.69 -19.09 7.66
CA VAL B 250 13.15 -20.43 7.33
C VAL B 250 14.51 -20.34 6.66
N ASP B 251 15.21 -21.47 6.58
CA ASP B 251 16.56 -21.50 6.07
C ASP B 251 16.53 -21.79 4.57
N PHE B 252 16.18 -20.77 3.81
CA PHE B 252 16.16 -20.86 2.35
C PHE B 252 17.34 -20.06 1.81
N PRO B 253 18.10 -20.65 0.86
CA PRO B 253 17.87 -21.94 0.21
C PRO B 253 18.60 -23.12 0.86
N GLU B 254 19.38 -22.85 1.92
CA GLU B 254 20.31 -23.84 2.45
C GLU B 254 19.62 -25.18 2.75
N ALA B 255 18.41 -25.12 3.31
CA ALA B 255 17.75 -26.32 3.83
C ALA B 255 16.60 -26.79 2.96
N TRP B 256 16.57 -26.40 1.70
CA TRP B 256 15.43 -26.79 0.87
C TRP B 256 15.88 -27.47 -0.42
N SER B 257 16.76 -26.82 -1.17
CA SER B 257 17.18 -27.33 -2.47
C SER B 257 18.67 -27.44 -2.63
N GLY B 258 19.45 -26.67 -1.87
CA GLY B 258 20.87 -26.60 -2.10
C GLY B 258 21.27 -25.95 -3.40
N ALA B 259 20.32 -25.61 -4.27
CA ALA B 259 20.62 -24.77 -5.42
C ALA B 259 20.71 -23.31 -4.97
N ARG B 260 20.97 -22.43 -5.94
CA ARG B 260 20.99 -20.99 -5.73
C ARG B 260 20.17 -20.35 -6.84
N TYR B 261 19.47 -19.26 -6.51
CA TYR B 261 18.51 -18.65 -7.42
C TYR B 261 18.87 -17.19 -7.67
N GLY B 262 18.40 -16.66 -8.80
CA GLY B 262 18.56 -15.25 -9.10
C GLY B 262 17.27 -14.63 -9.61
N SER B 263 17.34 -13.33 -9.89
CA SER B 263 16.20 -12.62 -10.44
C SER B 263 16.70 -11.41 -11.23
N LEU B 264 15.78 -10.78 -11.94
CA LEU B 264 16.07 -9.55 -12.66
C LEU B 264 14.78 -8.74 -12.79
N PRO B 265 14.87 -7.42 -12.88
CA PRO B 265 13.68 -6.56 -12.79
C PRO B 265 13.11 -6.21 -14.14
N LEU B 266 11.81 -5.86 -14.12
CA LEU B 266 11.06 -5.59 -15.34
C LEU B 266 10.27 -4.29 -15.20
N PHE B 267 9.96 -3.66 -16.34
CA PHE B 267 9.28 -2.37 -16.34
C PHE B 267 8.39 -2.27 -17.58
N LYS B 268 7.13 -1.82 -17.38
CA LYS B 268 6.19 -1.59 -18.47
C LYS B 268 5.61 -0.20 -18.31
N GLY B 269 5.34 0.46 -19.45
CA GLY B 269 4.77 1.80 -19.46
C GLY B 269 3.78 2.02 -20.58
N PHE B 270 2.55 2.49 -20.29
CA PHE B 270 1.48 2.57 -21.28
C PHE B 270 1.05 4.02 -21.49
N LEU B 271 0.79 4.38 -22.75
CA LEU B 271 0.46 5.77 -23.07
C LEU B 271 -0.71 5.81 -24.04
N THR B 272 -1.74 6.58 -23.68
CA THR B 272 -2.90 6.80 -24.51
C THR B 272 -2.93 8.26 -24.93
N TYR B 273 -3.53 8.51 -26.09
CA TYR B 273 -3.45 9.83 -26.72
C TYR B 273 -4.84 10.27 -27.18
N GLY B 274 -4.90 11.47 -27.77
CA GLY B 274 -6.16 11.97 -28.28
C GLY B 274 -6.50 11.45 -29.67
N GLU B 275 -5.50 11.15 -30.47
CA GLU B 275 -5.75 10.65 -31.79
C GLU B 275 -4.62 9.70 -32.12
N PRO B 276 -4.90 8.58 -32.80
CA PRO B 276 -3.86 7.57 -33.04
C PRO B 276 -2.82 7.98 -34.08
N TRP B 277 -1.85 8.80 -33.67
CA TRP B 277 -0.90 9.38 -34.64
C TRP B 277 0.01 8.34 -35.26
N TRP B 278 0.10 7.12 -34.71
CA TRP B 278 1.06 6.18 -35.30
C TRP B 278 0.52 5.45 -36.54
N LEU B 279 -0.79 5.51 -36.82
CA LEU B 279 -1.27 4.83 -38.03
C LEU B 279 -0.61 5.45 -39.25
N ASP B 280 -0.43 6.78 -39.20
CA ASP B 280 0.16 7.51 -40.32
C ASP B 280 1.44 6.87 -40.80
N TYR B 281 2.06 6.00 -39.99
CA TYR B 281 3.31 5.32 -40.33
C TYR B 281 3.12 3.84 -40.61
N LYS B 282 1.88 3.38 -40.76
CA LYS B 282 1.57 1.98 -41.04
C LYS B 282 2.19 1.09 -39.96
N LEU B 283 1.74 1.32 -38.73
CA LEU B 283 2.48 0.91 -37.55
C LEU B 283 1.62 0.24 -36.49
N ASP B 284 0.31 0.21 -36.64
CA ASP B 284 -0.57 -0.43 -35.67
C ASP B 284 -0.40 -1.95 -35.66
N ASP B 285 -0.66 -2.55 -34.50
CA ASP B 285 -0.45 -3.99 -34.27
C ASP B 285 0.97 -4.42 -34.68
N GLN B 286 1.95 -3.58 -34.39
CA GLN B 286 3.34 -3.81 -34.77
C GLN B 286 4.26 -3.54 -33.60
N VAL B 287 5.49 -4.05 -33.67
CA VAL B 287 6.44 -3.93 -32.58
C VAL B 287 7.82 -3.62 -33.15
N LEU B 288 8.42 -2.50 -32.74
CA LEU B 288 9.76 -2.08 -33.16
C LEU B 288 10.75 -2.39 -32.04
N ILE B 289 11.89 -2.98 -32.41
CA ILE B 289 13.01 -3.18 -31.49
C ILE B 289 14.07 -2.16 -31.88
N VAL B 290 14.41 -1.26 -30.94
CA VAL B 290 15.33 -0.17 -31.19
C VAL B 290 16.46 -0.29 -30.20
N ASP B 291 17.57 0.44 -30.46
CA ASP B 291 18.72 0.45 -29.56
C ASP B 291 18.54 1.37 -28.36
N ASN B 292 17.73 2.43 -28.48
CA ASN B 292 17.58 3.44 -27.43
C ASN B 292 16.76 2.89 -26.24
N PRO B 293 16.81 3.58 -25.09
CA PRO B 293 16.28 3.02 -23.84
C PRO B 293 14.90 2.37 -23.89
N LEU B 294 13.98 2.86 -24.69
CA LEU B 294 12.72 2.20 -24.72
C LEU B 294 13.49 1.12 -25.35
N ARG B 295 13.07 -0.13 -25.32
CA ARG B 295 13.84 -1.13 -26.02
C ARG B 295 12.93 -1.85 -26.97
N LYS B 296 11.67 -1.95 -26.58
CA LYS B 296 10.65 -2.55 -27.40
C LYS B 296 9.47 -1.62 -27.34
N ILE B 297 8.97 -1.21 -28.48
CA ILE B 297 7.83 -0.30 -28.61
C ILE B 297 6.71 -1.02 -29.34
N TYR B 298 5.54 -1.12 -28.71
CA TYR B 298 4.38 -1.84 -29.22
C TYR B 298 3.26 -0.87 -29.56
N PHE B 299 2.61 -1.07 -30.70
CA PHE B 299 1.47 -0.26 -31.10
C PHE B 299 0.23 -1.14 -31.22
N LYS B 300 -0.76 -0.90 -30.38
CA LYS B 300 -1.93 -1.78 -30.27
C LYS B 300 -3.11 -1.13 -30.97
N GLY B 301 -3.32 -1.51 -32.23
CA GLY B 301 -4.47 -1.00 -32.98
C GLY B 301 -4.57 0.51 -32.91
N ASP B 302 -5.77 0.98 -32.55
CA ASP B 302 -6.02 2.37 -32.24
C ASP B 302 -5.76 2.70 -30.79
N LYS B 303 -5.61 1.71 -29.92
CA LYS B 303 -5.89 2.00 -28.54
C LYS B 303 -4.73 2.67 -27.83
N TYR B 304 -3.50 2.20 -28.02
CA TYR B 304 -2.40 2.73 -27.22
C TYR B 304 -1.07 2.23 -27.80
N LEU B 305 0.01 2.68 -27.16
CA LEU B 305 1.34 2.12 -27.35
C LEU B 305 1.93 1.89 -25.96
N PHE B 306 2.84 0.94 -25.86
CA PHE B 306 3.58 0.75 -24.62
C PHE B 306 5.01 0.35 -24.94
N PHE B 307 5.80 0.13 -23.88
CA PHE B 307 7.17 -0.33 -24.02
C PHE B 307 7.49 -1.24 -22.84
N TYR B 308 8.39 -2.19 -23.07
CA TYR B 308 8.66 -3.25 -22.13
C TYR B 308 10.16 -3.46 -22.11
N THR B 309 10.77 -3.34 -20.94
CA THR B 309 12.20 -3.47 -20.79
C THR B 309 12.50 -4.29 -19.56
N ASP B 310 13.75 -4.75 -19.49
CA ASP B 310 14.19 -5.69 -18.46
C ASP B 310 15.58 -5.29 -18.01
N SER B 311 15.98 -5.84 -16.86
CA SER B 311 17.35 -5.76 -16.35
C SER B 311 17.78 -4.29 -16.29
N GLU B 312 18.97 -3.91 -16.79
CA GLU B 312 19.50 -2.58 -16.49
C GLU B 312 18.63 -1.46 -17.05
N MET B 313 18.01 -1.66 -18.21
CA MET B 313 17.13 -0.62 -18.71
C MET B 313 15.88 -0.44 -17.83
N ALA B 314 15.41 -1.53 -17.22
CA ALA B 314 14.29 -1.42 -16.29
C ALA B 314 14.65 -0.49 -15.13
N ASN B 315 15.90 -0.58 -14.65
CA ASN B 315 16.31 0.35 -13.60
C ASN B 315 16.51 1.75 -14.14
N TYR B 316 16.91 1.89 -15.40
CA TYR B 316 17.02 3.23 -15.99
C TYR B 316 15.70 3.97 -15.89
N TRP B 317 14.60 3.31 -16.26
CA TRP B 317 13.30 3.96 -16.28
C TRP B 317 12.78 4.20 -14.87
N ARG B 318 12.97 3.24 -13.96
CA ARG B 318 12.52 3.47 -12.60
C ARG B 318 13.26 4.66 -12.01
N GLY B 319 14.50 4.87 -12.46
CA GLY B 319 15.24 6.07 -12.06
C GLY B 319 14.57 7.35 -12.51
N CYS B 320 14.28 7.46 -13.81
CA CYS B 320 13.56 8.64 -14.31
C CYS B 320 12.29 8.91 -13.50
N VAL B 321 11.55 7.85 -13.16
CA VAL B 321 10.31 8.00 -12.41
C VAL B 321 10.59 8.64 -11.06
N ALA B 322 11.70 8.23 -10.42
CA ALA B 322 12.01 8.77 -9.10
C ALA B 322 12.54 10.20 -9.18
N GLU B 323 12.93 10.67 -10.34
CA GLU B 323 13.35 12.05 -10.54
C GLU B 323 12.19 12.98 -10.91
N GLY B 324 11.02 12.44 -11.26
CA GLY B 324 9.86 13.25 -11.59
C GLY B 324 9.06 12.74 -12.77
N GLU B 325 7.73 12.75 -12.65
CA GLU B 325 6.87 12.27 -13.75
C GLU B 325 7.15 13.02 -15.04
N ASP B 326 7.13 14.36 -14.99
CA ASP B 326 7.60 15.16 -16.11
C ASP B 326 9.04 14.78 -16.43
N GLY B 327 9.43 14.94 -17.67
CA GLY B 327 10.82 14.57 -17.91
C GLY B 327 11.00 13.07 -18.08
N TYR B 328 10.36 12.27 -17.23
CA TYR B 328 10.11 10.87 -17.61
C TYR B 328 9.31 10.84 -18.90
N LEU B 329 8.16 11.51 -18.92
CA LEU B 329 7.40 11.65 -20.15
C LEU B 329 8.23 12.26 -21.29
N GLU B 330 9.13 13.20 -20.95
CA GLU B 330 9.99 13.84 -21.95
C GLU B 330 11.12 12.92 -22.43
N GLN B 331 11.62 12.04 -21.56
CA GLN B 331 12.52 10.98 -22.04
C GLN B 331 11.81 10.11 -23.06
N ILE B 332 10.59 9.66 -22.73
CA ILE B 332 9.86 8.80 -23.66
C ILE B 332 9.68 9.50 -24.99
N ARG B 333 9.45 10.81 -24.94
CA ARG B 333 9.13 11.55 -26.15
C ARG B 333 10.38 11.79 -27.00
N THR B 334 11.53 12.01 -26.37
CA THR B 334 12.79 12.08 -27.10
C THR B 334 13.12 10.73 -27.74
N HIS B 335 13.02 9.65 -26.97
CA HIS B 335 13.35 8.32 -27.48
C HIS B 335 12.35 7.83 -28.52
N LEU B 336 11.07 8.19 -28.40
CA LEU B 336 10.15 7.88 -29.48
C LEU B 336 10.56 8.54 -30.78
N ALA B 337 11.01 9.79 -30.71
CA ALA B 337 11.37 10.54 -31.91
C ALA B 337 12.54 9.91 -32.65
N SER B 338 13.57 9.48 -31.90
CA SER B 338 14.71 8.87 -32.56
C SER B 338 14.37 7.49 -33.11
N ALA B 339 13.43 6.79 -32.47
CA ALA B 339 13.01 5.49 -32.97
C ALA B 339 12.29 5.62 -34.32
N LEU B 340 11.42 6.61 -34.45
CA LEU B 340 10.79 6.82 -35.76
C LEU B 340 11.57 7.75 -36.67
N GLY B 341 12.63 8.37 -36.18
CA GLY B 341 13.39 9.28 -37.02
C GLY B 341 12.70 10.56 -37.39
N ILE B 342 11.99 11.20 -36.44
CA ILE B 342 11.38 12.51 -36.64
C ILE B 342 11.79 13.45 -35.49
N VAL B 343 11.40 14.74 -35.61
CA VAL B 343 11.74 15.73 -34.57
C VAL B 343 10.76 15.61 -33.40
N ARG B 344 11.24 16.02 -32.21
CA ARG B 344 10.47 15.88 -30.98
C ARG B 344 9.12 16.58 -31.06
N GLU B 345 9.04 17.72 -31.74
CA GLU B 345 7.82 18.50 -31.69
C GLU B 345 6.70 17.90 -32.52
N ARG B 346 6.99 16.90 -33.36
CA ARG B 346 5.94 16.15 -34.07
C ARG B 346 5.27 15.10 -33.19
N ILE B 347 5.83 14.76 -32.04
CA ILE B 347 5.32 13.71 -31.17
C ILE B 347 4.39 14.34 -30.13
N PRO B 348 3.11 13.95 -30.09
CA PRO B 348 2.19 14.55 -29.12
C PRO B 348 2.53 14.14 -27.70
N GLN B 349 2.07 14.93 -26.78
CA GLN B 349 2.06 14.47 -25.40
C GLN B 349 0.79 13.69 -25.12
N PRO B 350 0.81 12.81 -24.12
CA PRO B 350 -0.31 11.90 -23.90
C PRO B 350 -1.39 12.45 -22.98
N LEU B 351 -2.59 11.87 -23.10
CA LEU B 351 -3.71 12.18 -22.20
C LEU B 351 -3.55 11.51 -20.84
N ALA B 352 -3.33 10.19 -20.82
CA ALA B 352 -3.09 9.47 -19.59
C ALA B 352 -2.01 8.43 -19.83
N HIS B 353 -1.43 7.94 -18.72
CA HIS B 353 -0.37 6.96 -18.80
C HIS B 353 -0.25 6.25 -17.46
N VAL B 354 0.20 4.99 -17.50
CA VAL B 354 0.43 4.19 -16.31
C VAL B 354 1.72 3.40 -16.53
N HIS B 355 2.44 3.17 -15.45
CA HIS B 355 3.62 2.32 -15.51
C HIS B 355 3.68 1.43 -14.27
N LYS B 356 4.47 0.36 -14.37
CA LYS B 356 4.68 -0.56 -13.27
C LYS B 356 6.12 -1.06 -13.33
N TYR B 357 6.76 -1.08 -12.16
CA TYR B 357 8.11 -1.59 -12.00
C TYR B 357 8.07 -2.81 -11.09
N TRP B 358 8.76 -3.88 -11.52
CA TRP B 358 8.76 -5.14 -10.79
C TRP B 358 10.20 -5.43 -10.38
N ALA B 359 10.51 -5.16 -9.11
CA ALA B 359 11.86 -5.37 -8.58
C ALA B 359 12.39 -6.76 -8.88
N HIS B 360 11.55 -7.78 -8.73
CA HIS B 360 11.92 -9.14 -9.08
C HIS B 360 10.98 -9.68 -10.14
N GLY B 361 10.97 -9.05 -11.32
CA GLY B 361 10.02 -9.45 -12.35
C GLY B 361 10.05 -10.92 -12.70
N VAL B 362 11.26 -11.47 -12.93
CA VAL B 362 11.43 -12.89 -13.27
C VAL B 362 12.50 -13.48 -12.37
N GLU B 363 12.24 -14.68 -11.85
CA GLU B 363 13.16 -15.38 -10.98
C GLU B 363 13.37 -16.77 -11.54
N PHE B 364 14.58 -17.30 -11.37
CA PHE B 364 14.99 -18.52 -12.04
C PHE B 364 15.99 -19.27 -11.16
N CYS B 365 16.29 -20.51 -11.56
CA CYS B 365 17.34 -21.29 -10.94
C CYS B 365 18.62 -21.21 -11.77
N ARG B 366 19.76 -21.25 -11.08
CA ARG B 366 21.07 -21.18 -11.73
C ARG B 366 21.75 -22.55 -11.63
N ASP B 367 21.34 -23.46 -12.52
CA ASP B 367 21.86 -24.82 -12.46
C ASP B 367 21.25 -25.65 -13.59
N SER B 368 21.84 -26.83 -13.80
CA SER B 368 21.23 -27.90 -14.58
C SER B 368 21.11 -29.11 -13.67
N ASP B 369 20.37 -28.94 -12.56
CA ASP B 369 20.18 -30.00 -11.57
C ASP B 369 19.04 -30.90 -12.04
N ILE B 370 19.39 -31.85 -12.90
CA ILE B 370 18.42 -32.79 -13.45
C ILE B 370 17.82 -33.66 -12.35
N HIS B 372 16.44 -29.83 -10.17
CA HIS B 372 15.28 -28.98 -9.92
C HIS B 372 13.97 -29.78 -9.97
N PRO B 373 13.47 -30.19 -8.80
CA PRO B 373 12.08 -30.67 -8.71
C PRO B 373 11.11 -29.51 -8.86
N SER B 374 9.85 -29.84 -9.12
CA SER B 374 8.86 -28.81 -9.41
C SER B 374 8.44 -28.06 -8.15
N ALA B 375 8.54 -28.69 -6.98
CA ALA B 375 8.25 -28.08 -5.70
C ALA B 375 9.30 -28.56 -4.70
N LEU B 376 9.41 -27.87 -3.57
CA LEU B 376 10.44 -28.20 -2.61
C LEU B 376 9.82 -28.57 -1.26
N SER B 377 10.64 -29.19 -0.41
CA SER B 377 10.22 -29.59 0.92
C SER B 377 11.33 -29.26 1.89
N HIS B 378 10.97 -28.69 3.03
CA HIS B 378 11.97 -28.37 4.04
C HIS B 378 12.39 -29.67 4.71
N ARG B 379 13.70 -29.95 4.68
CA ARG B 379 14.23 -31.21 5.19
C ARG B 379 13.59 -31.64 6.51
N ASP B 380 13.24 -30.69 7.36
CA ASP B 380 12.77 -30.99 8.71
C ASP B 380 11.29 -30.68 8.91
N SER B 381 10.88 -29.41 8.80
CA SER B 381 9.53 -29.01 9.24
C SER B 381 8.41 -29.55 8.37
N GLY B 382 8.67 -29.99 7.15
CA GLY B 382 7.59 -30.43 6.28
C GLY B 382 6.87 -29.33 5.55
N ILE B 383 7.32 -28.07 5.67
CA ILE B 383 6.75 -26.98 4.88
C ILE B 383 7.07 -27.22 3.40
N ILE B 384 6.09 -26.94 2.54
CA ILE B 384 6.26 -27.05 1.09
C ILE B 384 6.26 -25.65 0.48
N ALA B 385 7.16 -25.45 -0.50
CA ALA B 385 7.33 -24.19 -1.21
C ALA B 385 6.99 -24.38 -2.68
N CYS B 386 6.22 -23.45 -3.23
CA CYS B 386 5.63 -23.56 -4.55
C CYS B 386 5.95 -22.29 -5.33
N SER B 387 6.46 -22.46 -6.56
CA SER B 387 6.90 -21.32 -7.37
C SER B 387 7.23 -21.76 -8.79
N ASP B 388 6.95 -20.87 -9.75
CA ASP B 388 7.40 -21.11 -11.12
C ASP B 388 8.92 -21.21 -11.22
N ALA B 389 9.65 -20.64 -10.26
CA ALA B 389 11.11 -20.60 -10.31
C ALA B 389 11.76 -21.97 -10.17
N TYR B 390 11.00 -22.99 -9.80
CA TYR B 390 11.54 -24.33 -9.55
C TYR B 390 11.38 -25.26 -10.75
N THR B 391 10.72 -24.81 -11.81
CA THR B 391 10.38 -25.64 -12.96
C THR B 391 11.20 -25.23 -14.18
N GLU B 392 11.06 -26.03 -15.24
CA GLU B 392 11.63 -25.68 -16.53
C GLU B 392 10.98 -24.44 -17.13
N HIS B 393 9.83 -24.03 -16.63
CA HIS B 393 9.10 -22.92 -17.22
C HIS B 393 9.15 -21.66 -16.37
N CYS B 394 10.24 -21.50 -15.60
CA CYS B 394 10.36 -20.32 -14.76
C CYS B 394 10.19 -19.07 -15.60
N GLY B 395 9.60 -18.04 -14.99
CA GLY B 395 9.25 -16.81 -15.68
C GLY B 395 8.00 -16.87 -16.53
N TRP B 396 7.23 -17.95 -16.42
CA TRP B 396 6.02 -18.13 -17.24
C TRP B 396 4.93 -18.65 -16.32
N MET B 397 3.69 -18.29 -16.63
CA MET B 397 2.58 -18.73 -15.77
C MET B 397 2.47 -20.26 -15.77
N GLU B 398 2.84 -20.90 -16.89
CA GLU B 398 2.82 -22.36 -16.99
C GLU B 398 3.65 -23.01 -15.89
N GLY B 399 4.72 -22.35 -15.46
CA GLY B 399 5.50 -22.93 -14.38
C GLY B 399 4.80 -22.89 -13.06
N GLY B 400 3.98 -21.84 -12.83
CA GLY B 400 3.18 -21.78 -11.61
C GLY B 400 2.18 -22.92 -11.54
N LEU B 401 1.57 -23.26 -12.68
CA LEU B 401 0.64 -24.38 -12.72
C LEU B 401 1.34 -25.70 -12.46
N LEU B 402 2.50 -25.92 -13.08
CA LEU B 402 3.23 -27.16 -12.85
C LEU B 402 3.70 -27.27 -11.40
N SER B 403 4.32 -26.21 -10.87
CA SER B 403 4.75 -26.28 -9.47
C SER B 403 3.57 -26.54 -8.54
N ALA B 404 2.37 -26.14 -8.94
CA ALA B 404 1.19 -26.30 -8.09
C ALA B 404 0.77 -27.78 -8.03
N ARG B 405 0.68 -28.46 -9.18
CA ARG B 405 0.34 -29.88 -9.16
C ARG B 405 1.23 -30.63 -8.18
N GLU B 406 2.55 -30.41 -8.27
CA GLU B 406 3.49 -31.09 -7.38
C GLU B 406 3.33 -30.66 -5.93
N ALA B 407 3.28 -29.35 -5.65
CA ALA B 407 3.22 -28.95 -4.24
C ALA B 407 1.95 -29.48 -3.57
N SER B 408 0.83 -29.51 -4.29
CA SER B 408 -0.36 -30.04 -3.64
C SER B 408 -0.32 -31.56 -3.51
N ARG B 409 0.50 -32.25 -4.31
CA ARG B 409 0.65 -33.70 -4.16
C ARG B 409 1.56 -34.04 -2.98
N LEU B 410 2.68 -33.34 -2.82
CA LEU B 410 3.51 -33.55 -1.64
C LEU B 410 2.73 -33.31 -0.35
N LEU B 411 1.76 -32.40 -0.39
CA LEU B 411 0.96 -32.10 0.80
C LEU B 411 -0.15 -33.14 0.99
N LEU B 412 -0.85 -33.50 -0.10
CA LEU B 412 -1.86 -34.53 -0.01
C LEU B 412 -1.27 -35.84 0.49
N GLN B 413 -0.02 -36.10 0.15
CA GLN B 413 0.71 -37.23 0.71
C GLN B 413 0.76 -37.12 2.24
N ARG B 414 1.37 -36.05 2.74
CA ARG B 414 1.60 -35.91 4.18
C ARG B 414 0.30 -35.89 4.99
N ILE B 415 -0.84 -35.59 4.37
CA ILE B 415 -2.11 -35.56 5.09
C ILE B 415 -2.57 -37.01 5.31
N ALA B 416 -1.83 -37.97 4.77
CA ALA B 416 -2.07 -39.37 5.13
C ALA B 416 -0.77 -40.18 5.14
#